data_5DI0
#
_entry.id   5DI0
#
_cell.length_a   57.111
_cell.length_b   95.100
_cell.length_c   147.406
_cell.angle_alpha   90.00
_cell.angle_beta   90.00
_cell.angle_gamma   90.00
#
_symmetry.space_group_name_H-M   'P 21 21 21'
#
loop_
_entity.id
_entity.type
_entity.pdbx_description
1 polymer 'Natterin-like protein'
2 non-polymer 1,2-ETHANEDIOL
3 non-polymer DI(HYDROXYETHYL)ETHER
4 non-polymer 'TRIETHYLENE GLYCOL'
5 non-polymer 'TETRAETHYLENE GLYCOL'
6 non-polymer 'CHLORIDE ION'
7 water water
#
_entity_poly.entity_id   1
_entity_poly.type   'polypeptide(L)'
_entity_poly.pdbx_seq_one_letter_code
;MGSSHHHHHHSSGLVPRGSHMTYPTNLEIIGGQGGSSFSFTGENNGASLEKIWVWVGGWQIKAVRAWLSDGRDETFGVPS
GSHQEYVFTPGECFTSLSLWGNGAGTRLGAIKFKTNKGGEFFAHMTSWGLKTEYPMDVGSGYCLGIVGRGGSDIDCMGFM
FLNAVQSTVLTNVNYPTINQLIPKVATEEIKSVSFENKTSVKQEQKVETSKKVIKTSSWSMTKSFSSTFSVEVSAGIPEI
AEVSTGFSISFGVESTHSLEQTDEKNETLTTTVEVPPKKKVDVHITIGRASFDLPYTGTVKITCKNGSVLQYETKGQYKG
VAYTDIKVNTVEKDL
;
_entity_poly.pdbx_strand_id   A,B
#
# COMPACT_ATOMS: atom_id res chain seq x y z
N GLY A 18 4.89 -0.24 48.83
CA GLY A 18 5.79 0.27 47.74
C GLY A 18 5.31 -0.13 46.35
N SER A 19 4.00 -0.42 46.27
CA SER A 19 3.27 -0.54 44.99
C SER A 19 3.52 0.68 44.13
N HIS A 20 3.37 0.50 42.83
CA HIS A 20 3.86 1.47 41.90
C HIS A 20 2.79 1.68 40.86
N MET A 21 2.46 2.93 40.58
CA MET A 21 1.42 3.20 39.60
C MET A 21 2.05 3.85 38.39
N THR A 22 1.61 3.44 37.21
CA THR A 22 2.01 4.11 35.96
C THR A 22 0.78 4.58 35.25
N TYR A 23 0.99 5.57 34.38
CA TYR A 23 -0.11 6.29 33.74
C TYR A 23 0.17 6.48 32.26
N PRO A 24 -0.87 6.63 31.45
CA PRO A 24 -0.66 6.75 30.01
C PRO A 24 -0.17 8.14 29.60
N THR A 25 -0.19 9.07 30.55
CA THR A 25 0.26 10.43 30.31
C THR A 25 1.42 10.82 31.19
N ASN A 26 2.21 11.76 30.71
CA ASN A 26 3.42 12.23 31.35
C ASN A 26 3.30 13.74 31.38
N LEU A 27 3.32 14.30 32.58
CA LEU A 27 3.04 15.72 32.78
C LEU A 27 3.85 16.22 33.95
N GLU A 28 4.69 17.21 33.69
CA GLU A 28 5.49 17.86 34.73
CA GLU A 28 5.50 17.86 34.73
C GLU A 28 5.20 19.34 34.70
N ILE A 29 4.57 19.85 35.77
CA ILE A 29 4.14 21.24 35.86
C ILE A 29 5.18 22.09 36.58
N ILE A 30 5.49 23.24 35.99
CA ILE A 30 6.52 24.15 36.49
C ILE A 30 5.95 25.53 36.73
N GLY A 31 6.31 26.12 37.88
CA GLY A 31 5.99 27.50 38.14
C GLY A 31 5.62 27.67 39.60
N GLY A 32 4.62 28.51 39.87
CA GLY A 32 4.20 28.86 41.22
C GLY A 32 2.88 28.24 41.59
N GLN A 33 2.33 28.66 42.73
CA GLN A 33 1.16 28.03 43.30
C GLN A 33 -0.11 28.85 43.16
N GLY A 34 -0.02 30.06 42.61
CA GLY A 34 -1.18 30.93 42.50
C GLY A 34 -2.11 30.66 41.33
N GLY A 35 -3.08 31.52 41.13
CA GLY A 35 -4.04 31.39 40.02
C GLY A 35 -5.05 30.26 40.14
N SER A 36 -5.81 30.08 39.07
CA SER A 36 -6.86 29.07 38.98
C SER A 36 -6.49 27.93 38.04
N SER A 37 -6.81 26.71 38.46
CA SER A 37 -6.51 25.50 37.68
C SER A 37 -7.19 25.47 36.30
N PHE A 38 -6.43 24.97 35.31
CA PHE A 38 -6.99 24.61 34.01
C PHE A 38 -6.39 23.30 33.53
N SER A 39 -7.16 22.60 32.71
CA SER A 39 -6.70 21.40 32.05
C SER A 39 -7.27 21.45 30.64
N PHE A 40 -6.39 21.41 29.65
CA PHE A 40 -6.78 21.55 28.26
C PHE A 40 -6.09 20.50 27.41
N THR A 41 -6.69 19.30 27.35
CA THR A 41 -6.03 18.16 26.79
C THR A 41 -6.94 17.22 26.01
N GLY A 42 -6.31 16.40 25.19
CA GLY A 42 -7.05 15.40 24.41
C GLY A 42 -7.06 14.05 25.08
N GLU A 43 -7.00 14.01 26.40
CA GLU A 43 -7.07 12.71 27.11
C GLU A 43 -8.38 12.01 26.84
N ASN A 44 -9.41 12.79 26.55
CA ASN A 44 -10.76 12.24 26.33
C ASN A 44 -10.90 11.56 24.99
N ASN A 45 -10.18 12.04 23.99
CA ASN A 45 -10.43 11.67 22.62
C ASN A 45 -9.18 11.52 21.74
N GLY A 46 -8.01 11.51 22.36
CA GLY A 46 -6.73 11.46 21.65
C GLY A 46 -6.34 12.68 20.82
N ALA A 47 -7.01 13.82 20.99
CA ALA A 47 -6.61 15.06 20.27
C ALA A 47 -5.21 15.48 20.73
N SER A 48 -4.49 16.13 19.82
CA SER A 48 -3.14 16.62 20.08
C SER A 48 -3.12 18.12 20.01
N LEU A 49 -2.07 18.68 20.58
CA LEU A 49 -1.83 20.13 20.46
C LEU A 49 -1.48 20.47 19.01
N GLU A 50 -2.28 21.32 18.39
CA GLU A 50 -2.10 21.67 16.98
C GLU A 50 -1.44 23.03 16.76
N LYS A 51 -1.71 23.97 17.66
CA LYS A 51 -1.13 25.31 17.51
C LYS A 51 -1.04 25.93 18.90
N ILE A 52 -0.02 26.76 19.11
CA ILE A 52 0.10 27.45 20.38
C ILE A 52 0.58 28.88 20.12
N TRP A 53 0.00 29.83 20.85
CA TRP A 53 0.44 31.22 20.92
C TRP A 53 0.87 31.50 22.35
N VAL A 54 2.02 32.13 22.48
CA VAL A 54 2.55 32.48 23.80
C VAL A 54 2.86 33.97 23.85
N TRP A 55 2.39 34.60 24.91
CA TRP A 55 2.70 36.01 25.25
C TRP A 55 3.58 36.03 26.48
N VAL A 56 4.49 36.99 26.53
CA VAL A 56 5.45 37.05 27.62
C VAL A 56 5.42 38.44 28.23
N GLY A 57 5.90 38.48 29.47
CA GLY A 57 6.08 39.72 30.22
C GLY A 57 7.48 39.77 30.76
N GLY A 58 7.79 40.79 31.57
CA GLY A 58 9.13 40.90 32.09
C GLY A 58 9.55 39.80 33.03
N TRP A 59 8.61 39.24 33.79
CA TRP A 59 8.94 38.26 34.82
C TRP A 59 8.01 37.06 34.83
N GLN A 60 7.44 36.77 33.65
CA GLN A 60 6.50 35.67 33.55
C GLN A 60 6.27 35.35 32.10
N ILE A 61 5.77 34.13 31.88
CA ILE A 61 4.92 33.86 30.71
C ILE A 61 3.56 34.45 31.04
N LYS A 62 3.08 35.32 30.16
CA LYS A 62 1.89 36.12 30.38
C LYS A 62 0.59 35.38 30.08
N ALA A 63 0.57 34.67 28.96
CA ALA A 63 -0.63 33.95 28.56
C ALA A 63 -0.27 32.93 27.50
N VAL A 64 -1.14 31.96 27.33
CA VAL A 64 -0.97 30.91 26.34
C VAL A 64 -2.33 30.64 25.73
N ARG A 65 -2.40 30.63 24.40
CA ARG A 65 -3.61 30.22 23.74
C ARG A 65 -3.25 28.95 22.98
N ALA A 66 -4.11 27.92 23.10
CA ALA A 66 -3.83 26.64 22.49
C ALA A 66 -5.02 26.13 21.71
N TRP A 67 -4.69 25.44 20.63
CA TRP A 67 -5.66 24.78 19.80
C TRP A 67 -5.32 23.28 19.78
N LEU A 68 -6.34 22.46 19.96
CA LEU A 68 -6.19 21.00 19.84
C LEU A 68 -6.79 20.54 18.51
N SER A 69 -6.36 19.37 18.09
CA SER A 69 -6.67 18.86 16.75
C SER A 69 -8.16 18.61 16.56
N ASP A 70 -8.93 18.58 17.65
CA ASP A 70 -10.40 18.43 17.55
C ASP A 70 -11.12 19.79 17.37
N GLY A 71 -10.35 20.86 17.22
CA GLY A 71 -10.90 22.20 17.07
C GLY A 71 -11.10 23.04 18.32
N ARG A 72 -10.82 22.46 19.48
CA ARG A 72 -10.92 23.21 20.73
C ARG A 72 -9.88 24.31 20.72
N ASP A 73 -10.22 25.43 21.35
CA ASP A 73 -9.41 26.69 21.30
C ASP A 73 -9.68 27.41 22.59
N GLU A 74 -8.67 27.51 23.45
CA GLU A 74 -8.82 28.22 24.72
C GLU A 74 -7.58 29.04 25.03
N THR A 75 -7.80 30.10 25.82
CA THR A 75 -6.72 31.00 26.25
C THR A 75 -6.62 31.02 27.77
N PHE A 76 -5.39 30.97 28.28
CA PHE A 76 -5.14 30.98 29.72
C PHE A 76 -4.19 32.11 30.02
N GLY A 77 -4.40 32.77 31.14
CA GLY A 77 -3.77 34.06 31.39
C GLY A 77 -4.36 35.16 30.54
N VAL A 78 -3.82 36.36 30.70
CA VAL A 78 -4.32 37.53 30.01
C VAL A 78 -3.26 38.07 29.03
N PRO A 79 -3.51 37.93 27.72
CA PRO A 79 -2.50 38.39 26.76
C PRO A 79 -2.16 39.88 26.88
N SER A 80 -0.90 40.18 26.61
N SER A 80 -0.90 40.18 26.62
CA SER A 80 -0.41 41.55 26.48
CA SER A 80 -0.46 41.55 26.45
C SER A 80 0.75 41.50 25.51
C SER A 80 0.74 41.50 25.51
N GLY A 81 0.84 42.51 24.65
CA GLY A 81 1.88 42.55 23.63
C GLY A 81 1.63 41.55 22.51
N SER A 82 2.68 41.30 21.77
CA SER A 82 2.65 40.38 20.64
CA SER A 82 2.66 40.38 20.64
C SER A 82 2.80 38.95 21.11
N HIS A 83 2.39 38.01 20.28
CA HIS A 83 2.59 36.60 20.63
C HIS A 83 3.59 35.93 19.69
N GLN A 84 4.18 34.83 20.16
CA GLN A 84 4.95 33.93 19.33
C GLN A 84 4.05 32.72 19.05
N GLU A 85 4.27 32.10 17.91
CA GLU A 85 3.39 30.99 17.44
C GLU A 85 4.21 29.77 17.11
N TYR A 86 3.66 28.57 17.39
CA TYR A 86 4.12 27.36 16.76
C TYR A 86 2.89 26.65 16.22
N VAL A 87 2.98 26.22 14.97
CA VAL A 87 1.90 25.45 14.34
C VAL A 87 2.45 24.05 14.08
N PHE A 88 1.84 23.01 14.64
CA PHE A 88 2.28 21.64 14.41
C PHE A 88 1.56 21.02 13.22
N THR A 89 2.32 20.45 12.30
CA THR A 89 1.73 19.73 11.17
C THR A 89 1.41 18.28 11.60
N PRO A 90 0.48 17.59 10.91
CA PRO A 90 0.24 16.18 11.25
C PRO A 90 1.47 15.30 11.30
N GLY A 91 1.64 14.55 12.38
CA GLY A 91 2.80 13.71 12.54
C GLY A 91 3.97 14.40 13.21
N GLU A 92 3.88 15.71 13.40
CA GLU A 92 4.99 16.49 13.96
C GLU A 92 4.89 16.40 15.47
N CYS A 93 5.81 15.68 16.09
CA CYS A 93 5.84 15.36 17.52
C CYS A 93 6.95 16.18 18.18
N PHE A 94 6.83 16.38 19.49
CA PHE A 94 7.96 16.89 20.23
C PHE A 94 9.09 15.87 20.23
N THR A 95 10.34 16.36 20.13
CA THR A 95 11.53 15.57 20.48
C THR A 95 12.14 15.95 21.83
N SER A 96 11.95 17.21 22.24
CA SER A 96 12.48 17.69 23.50
C SER A 96 11.65 18.88 24.00
N LEU A 97 11.71 19.11 25.31
CA LEU A 97 11.01 20.20 25.95
C LEU A 97 11.76 20.52 27.22
N SER A 98 12.01 21.79 27.45
CA SER A 98 12.43 22.27 28.77
C SER A 98 11.53 23.43 29.19
N LEU A 99 11.21 23.47 30.48
CA LEU A 99 10.52 24.60 31.06
C LEU A 99 11.42 25.25 32.10
N TRP A 100 11.18 26.53 32.31
CA TRP A 100 11.80 27.26 33.43
C TRP A 100 10.71 27.98 34.21
N GLY A 101 10.88 28.10 35.52
CA GLY A 101 10.08 29.05 36.26
C GLY A 101 10.64 30.46 36.00
N ASN A 102 10.14 31.44 36.75
CA ASN A 102 10.66 32.81 36.63
C ASN A 102 11.83 33.03 37.60
N GLY A 103 12.22 31.99 38.31
CA GLY A 103 13.37 32.04 39.21
C GLY A 103 12.93 32.34 40.65
N ALA A 104 11.72 32.84 40.80
CA ALA A 104 11.17 33.23 42.12
C ALA A 104 10.16 32.22 42.64
N GLY A 105 9.93 31.15 41.89
CA GLY A 105 8.90 30.19 42.26
C GLY A 105 7.46 30.66 42.19
N THR A 106 7.19 31.73 41.42
CA THR A 106 5.86 32.32 41.36
C THR A 106 5.16 32.32 40.00
N ARG A 107 5.88 32.08 38.92
CA ARG A 107 5.28 32.03 37.58
C ARG A 107 6.08 31.05 36.74
N LEU A 108 5.48 30.58 35.66
CA LEU A 108 6.26 30.02 34.58
C LEU A 108 7.08 31.15 33.96
N GLY A 109 8.34 30.86 33.62
CA GLY A 109 9.24 31.82 32.99
C GLY A 109 9.63 31.60 31.52
N ALA A 110 9.66 30.35 31.07
CA ALA A 110 10.14 30.07 29.71
C ALA A 110 9.71 28.68 29.28
N ILE A 111 9.53 28.56 27.97
CA ILE A 111 9.20 27.31 27.28
C ILE A 111 10.16 27.16 26.09
N LYS A 112 10.86 26.03 26.03
CA LYS A 112 11.70 25.69 24.91
C LYS A 112 11.38 24.29 24.43
N PHE A 113 11.09 24.13 23.13
CA PHE A 113 10.94 22.77 22.62
C PHE A 113 11.49 22.62 21.21
N LYS A 114 11.71 21.37 20.82
CA LYS A 114 12.07 20.99 19.46
C LYS A 114 11.15 19.90 18.98
N THR A 115 11.04 19.78 17.65
CA THR A 115 10.17 18.80 17.06
C THR A 115 10.92 17.86 16.12
N ASN A 116 10.24 16.77 15.78
CA ASN A 116 10.80 15.77 14.91
C ASN A 116 10.87 16.21 13.45
N LYS A 117 10.37 17.41 13.14
CA LYS A 117 10.53 18.00 11.81
C LYS A 117 11.66 19.04 11.81
N GLY A 118 12.38 19.12 12.92
CA GLY A 118 13.52 20.02 13.05
C GLY A 118 13.20 21.44 13.48
N GLY A 119 11.97 21.66 13.90
CA GLY A 119 11.54 22.96 14.39
C GLY A 119 12.03 23.17 15.82
N GLU A 120 12.15 24.42 16.17
CA GLU A 120 12.44 24.85 17.54
C GLU A 120 11.60 26.07 17.89
N PHE A 121 11.25 26.17 19.18
CA PHE A 121 10.41 27.24 19.70
C PHE A 121 10.97 27.61 21.06
N PHE A 122 11.18 28.92 21.29
CA PHE A 122 11.68 29.39 22.57
C PHE A 122 10.98 30.68 22.92
N ALA A 123 10.18 30.66 23.99
CA ALA A 123 9.49 31.85 24.48
C ALA A 123 9.88 32.06 25.94
N HIS A 124 10.23 33.29 26.29
CA HIS A 124 10.75 33.54 27.64
C HIS A 124 10.42 34.95 28.13
N MET A 125 10.30 35.06 29.45
CA MET A 125 10.22 36.36 30.09
C MET A 125 11.39 37.26 29.63
N THR A 126 11.17 38.58 29.66
CA THR A 126 12.02 39.51 28.95
C THR A 126 12.95 40.36 29.82
N SER A 127 12.70 40.43 31.13
CA SER A 127 13.53 41.24 32.05
C SER A 127 14.45 40.42 32.97
N TRP A 128 13.87 39.42 33.61
CA TRP A 128 14.64 38.54 34.47
C TRP A 128 15.29 37.43 33.67
N GLY A 129 16.53 37.10 34.03
CA GLY A 129 17.24 35.97 33.45
C GLY A 129 16.69 34.62 33.89
N LEU A 130 16.95 33.60 33.07
CA LEU A 130 16.55 32.25 33.39
C LEU A 130 17.51 31.60 34.38
N LYS A 131 16.94 30.86 35.29
CA LYS A 131 17.72 30.10 36.27
C LYS A 131 17.64 28.59 35.95
N THR A 132 17.01 27.79 36.82
CA THR A 132 17.05 26.33 36.69
C THR A 132 16.19 25.87 35.51
N GLU A 133 16.84 25.14 34.61
CA GLU A 133 16.17 24.47 33.49
C GLU A 133 15.58 23.15 33.96
N TYR A 134 14.35 22.84 33.54
CA TYR A 134 13.71 21.56 33.84
C TYR A 134 13.47 20.82 32.51
N PRO A 135 14.38 19.90 32.13
CA PRO A 135 14.19 19.16 30.89
C PRO A 135 13.19 18.03 31.14
N MET A 136 12.29 17.84 30.16
CA MET A 136 11.15 16.97 30.31
C MET A 136 11.28 15.74 29.42
N ASP A 137 10.72 14.62 29.89
CA ASP A 137 10.59 13.44 29.06
C ASP A 137 9.32 13.58 28.22
N VAL A 138 9.46 13.64 26.89
CA VAL A 138 8.29 13.84 26.06
C VAL A 138 7.52 12.55 25.78
N GLY A 139 7.91 11.45 26.42
CA GLY A 139 7.20 10.19 26.20
C GLY A 139 7.30 9.71 24.77
N SER A 140 6.13 9.52 24.15
CA SER A 140 6.01 9.19 22.72
C SER A 140 6.34 10.37 21.82
N GLY A 141 6.37 11.56 22.41
CA GLY A 141 6.44 12.84 21.69
C GLY A 141 5.10 13.46 21.29
N TYR A 142 4.02 12.70 21.42
CA TYR A 142 2.71 13.15 21.05
C TYR A 142 2.11 13.94 22.20
N CYS A 143 1.92 15.24 21.97
CA CYS A 143 1.45 16.18 23.00
C CYS A 143 -0.05 16.27 23.00
N LEU A 144 -0.67 15.87 24.12
CA LEU A 144 -2.12 15.95 24.29
C LEU A 144 -2.66 17.31 24.71
N GLY A 145 -1.78 18.22 25.14
CA GLY A 145 -2.21 19.53 25.56
C GLY A 145 -1.44 20.07 26.74
N ILE A 146 -2.10 20.92 27.50
CA ILE A 146 -1.45 21.71 28.54
C ILE A 146 -2.34 21.73 29.77
N VAL A 147 -1.70 21.77 30.92
CA VAL A 147 -2.35 21.76 32.21
C VAL A 147 -1.59 22.77 33.09
N GLY A 148 -2.30 23.53 33.88
CA GLY A 148 -1.62 24.42 34.82
C GLY A 148 -2.54 25.28 35.66
N ARG A 149 -2.05 26.46 36.02
CA ARG A 149 -2.86 27.46 36.71
C ARG A 149 -2.59 28.82 36.10
N GLY A 150 -3.65 29.63 35.99
CA GLY A 150 -3.50 30.96 35.51
C GLY A 150 -4.45 31.96 36.15
N GLY A 151 -4.12 33.22 35.97
CA GLY A 151 -4.99 34.32 36.39
C GLY A 151 -4.70 35.45 35.44
N SER A 152 -4.01 36.49 35.91
CA SER A 152 -3.46 37.50 35.01
C SER A 152 -2.41 36.89 34.11
N ASP A 153 -1.63 35.98 34.68
CA ASP A 153 -0.43 35.42 34.04
C ASP A 153 -0.54 33.89 34.04
N ILE A 154 0.47 33.21 33.50
CA ILE A 154 0.63 31.77 33.71
C ILE A 154 1.41 31.53 34.99
N ASP A 155 0.67 31.18 36.04
CA ASP A 155 1.23 30.82 37.31
C ASP A 155 2.09 29.57 37.27
N CYS A 156 1.59 28.53 36.59
CA CYS A 156 2.36 27.35 36.33
C CYS A 156 1.76 26.62 35.13
N MET A 157 2.59 25.83 34.50
CA MET A 157 2.11 25.01 33.38
C MET A 157 3.02 23.81 33.12
N GLY A 158 2.41 22.77 32.54
CA GLY A 158 3.11 21.69 31.96
C GLY A 158 2.47 21.29 30.65
N PHE A 159 3.25 20.63 29.81
CA PHE A 159 2.76 19.97 28.58
C PHE A 159 2.51 18.48 28.88
N MET A 160 1.34 17.99 28.52
CA MET A 160 0.99 16.59 28.75
C MET A 160 1.33 15.78 27.49
N PHE A 161 2.07 14.69 27.67
CA PHE A 161 2.45 13.80 26.55
C PHE A 161 1.85 12.42 26.78
N LEU A 162 1.51 11.76 25.67
CA LEU A 162 1.23 10.34 25.76
C LEU A 162 2.56 9.66 25.99
N ASN A 163 2.63 8.79 27.00
CA ASN A 163 3.82 7.98 27.22
C ASN A 163 4.12 7.06 26.03
N ALA A 164 5.35 6.60 25.93
CA ALA A 164 5.77 5.72 24.84
C ALA A 164 4.79 4.54 24.73
N VAL A 165 4.41 4.21 23.49
CA VAL A 165 3.36 3.27 23.23
C VAL A 165 3.93 1.90 22.86
N GLN A 166 3.25 0.89 23.32
CA GLN A 166 3.54 -0.49 22.93
C GLN A 166 2.67 -0.86 21.74
N SER A 167 1.39 -0.59 21.84
CA SER A 167 0.45 -0.83 20.74
C SER A 167 -0.67 0.21 20.68
N THR A 168 -1.19 0.43 19.48
CA THR A 168 -2.34 1.27 19.26
C THR A 168 -3.25 0.43 18.40
N VAL A 169 -4.44 0.12 18.90
CA VAL A 169 -5.37 -0.79 18.21
C VAL A 169 -6.75 -0.16 18.04
N LEU A 170 -7.32 -0.29 16.84
CA LEU A 170 -8.72 0.03 16.62
C LEU A 170 -9.44 -1.30 16.75
N THR A 171 -10.39 -1.37 17.68
CA THR A 171 -11.12 -2.61 17.94
C THR A 171 -12.61 -2.34 18.20
N ASN A 172 -13.36 -3.40 18.54
CA ASN A 172 -14.79 -3.26 18.77
CA ASN A 172 -14.79 -3.26 18.77
C ASN A 172 -15.48 -2.53 17.61
N VAL A 173 -15.12 -2.91 16.38
CA VAL A 173 -15.58 -2.20 15.18
C VAL A 173 -16.96 -2.67 14.76
N ASN A 174 -17.88 -1.73 14.57
CA ASN A 174 -19.21 -2.05 14.07
C ASN A 174 -19.50 -1.18 12.86
N TYR A 175 -20.36 -1.70 11.98
CA TYR A 175 -20.81 -1.00 10.79
C TYR A 175 -22.35 -0.88 10.95
N PRO A 176 -22.81 0.24 11.56
CA PRO A 176 -24.22 0.36 11.96
C PRO A 176 -25.24 0.30 10.84
N THR A 177 -24.82 0.63 9.63
CA THR A 177 -25.72 0.63 8.47
C THR A 177 -25.56 -0.57 7.55
N ILE A 178 -24.72 -1.53 7.93
CA ILE A 178 -24.35 -2.59 6.98
C ILE A 178 -25.53 -3.42 6.50
N ASN A 179 -26.51 -3.63 7.37
CA ASN A 179 -27.68 -4.42 6.98
C ASN A 179 -28.72 -3.64 6.20
N GLN A 180 -28.58 -2.32 6.12
CA GLN A 180 -29.43 -1.49 5.25
C GLN A 180 -28.84 -1.25 3.88
N LEU A 181 -27.57 -1.58 3.71
CA LEU A 181 -26.84 -1.23 2.51
C LEU A 181 -27.36 -2.07 1.34
N ILE A 182 -27.63 -1.43 0.21
CA ILE A 182 -27.97 -2.18 -0.99
C ILE A 182 -26.67 -2.47 -1.74
N PRO A 183 -26.44 -3.76 -2.07
CA PRO A 183 -25.21 -4.14 -2.80
C PRO A 183 -25.05 -3.36 -4.12
N LYS A 184 -23.90 -2.72 -4.33
CA LYS A 184 -23.56 -2.19 -5.65
C LYS A 184 -22.39 -3.03 -6.17
N VAL A 185 -22.67 -3.82 -7.20
CA VAL A 185 -21.69 -4.79 -7.70
C VAL A 185 -21.54 -4.57 -9.19
N ALA A 186 -20.33 -4.24 -9.63
CA ALA A 186 -20.04 -4.09 -11.05
C ALA A 186 -19.60 -5.44 -11.63
N THR A 187 -20.14 -5.76 -12.81
CA THR A 187 -19.70 -6.96 -13.52
C THR A 187 -18.43 -6.68 -14.27
N GLU A 188 -17.45 -7.56 -14.11
CA GLU A 188 -16.25 -7.54 -14.92
C GLU A 188 -16.26 -8.81 -15.75
N GLU A 189 -16.11 -8.65 -17.07
CA GLU A 189 -16.09 -9.77 -18.00
C GLU A 189 -14.73 -10.39 -17.89
N ILE A 190 -14.69 -11.74 -17.85
CA ILE A 190 -13.42 -12.45 -17.87
C ILE A 190 -13.22 -13.16 -19.19
N LYS A 191 -14.14 -14.04 -19.55
CA LYS A 191 -14.07 -14.59 -20.90
C LYS A 191 -15.36 -15.23 -21.35
N SER A 192 -15.51 -15.32 -22.67
CA SER A 192 -16.66 -15.95 -23.27
C SER A 192 -16.18 -16.82 -24.42
N VAL A 193 -16.82 -17.95 -24.62
CA VAL A 193 -16.51 -18.83 -25.75
C VAL A 193 -17.71 -19.75 -25.99
N SER A 194 -17.90 -20.16 -27.26
CA SER A 194 -18.97 -21.08 -27.66
C SER A 194 -18.39 -22.41 -28.05
N PHE A 195 -19.19 -23.46 -27.86
CA PHE A 195 -18.85 -24.79 -28.31
C PHE A 195 -19.98 -25.34 -29.18
N GLU A 196 -19.61 -26.26 -30.07
CA GLU A 196 -20.54 -26.91 -30.96
C GLU A 196 -20.36 -28.42 -30.90
N ASN A 197 -21.50 -29.12 -30.89
CA ASN A 197 -21.55 -30.57 -31.02
C ASN A 197 -22.51 -30.90 -32.16
N LYS A 198 -21.95 -31.28 -33.31
CA LYS A 198 -22.76 -31.59 -34.51
C LYS A 198 -23.05 -33.10 -34.60
N THR A 199 -22.38 -33.88 -33.76
CA THR A 199 -22.66 -35.31 -33.60
C THR A 199 -23.92 -35.50 -32.73
N SER A 200 -24.39 -36.74 -32.63
CA SER A 200 -25.54 -37.06 -31.77
C SER A 200 -25.08 -37.75 -30.47
N VAL A 201 -23.91 -37.34 -29.98
CA VAL A 201 -23.32 -37.83 -28.74
C VAL A 201 -23.13 -36.65 -27.79
N LYS A 202 -22.83 -36.92 -26.52
CA LYS A 202 -22.41 -35.88 -25.58
C LYS A 202 -20.92 -35.55 -25.76
N GLN A 203 -20.59 -34.26 -25.57
CA GLN A 203 -19.20 -33.80 -25.49
C GLN A 203 -18.93 -33.07 -24.17
N GLU A 204 -17.68 -33.06 -23.74
CA GLU A 204 -17.27 -32.24 -22.59
C GLU A 204 -16.11 -31.35 -22.98
N GLN A 205 -16.11 -30.15 -22.39
CA GLN A 205 -15.06 -29.16 -22.61
C GLN A 205 -14.62 -28.64 -21.27
N LYS A 206 -13.32 -28.69 -21.01
CA LYS A 206 -12.75 -28.08 -19.84
C LYS A 206 -12.43 -26.61 -20.19
N VAL A 207 -12.79 -25.69 -19.29
CA VAL A 207 -12.44 -24.29 -19.46
C VAL A 207 -11.78 -23.86 -18.16
N GLU A 208 -10.58 -23.27 -18.27
CA GLU A 208 -9.86 -22.80 -17.12
C GLU A 208 -9.90 -21.28 -17.10
N THR A 209 -10.00 -20.68 -15.92
CA THR A 209 -10.12 -19.24 -15.81
C THR A 209 -9.16 -18.72 -14.77
N SER A 210 -8.55 -17.56 -15.08
CA SER A 210 -7.75 -16.82 -14.11
C SER A 210 -8.07 -15.31 -14.21
N LYS A 211 -8.06 -14.66 -13.06
CA LYS A 211 -8.41 -13.25 -12.98
C LYS A 211 -7.76 -12.65 -11.75
N LYS A 212 -7.07 -11.55 -11.94
CA LYS A 212 -6.46 -10.80 -10.82
C LYS A 212 -7.58 -10.06 -10.09
N VAL A 213 -7.58 -10.22 -8.77
CA VAL A 213 -8.48 -9.43 -7.92
C VAL A 213 -7.63 -8.65 -6.93
N ILE A 214 -7.96 -7.36 -6.72
CA ILE A 214 -7.29 -6.48 -5.75
C ILE A 214 -8.31 -6.07 -4.69
N LYS A 215 -8.20 -6.65 -3.48
CA LYS A 215 -9.11 -6.41 -2.35
C LYS A 215 -8.54 -5.35 -1.43
N THR A 216 -9.37 -4.40 -0.98
CA THR A 216 -8.84 -3.32 -0.15
C THR A 216 -9.72 -3.06 1.07
N SER A 217 -9.10 -2.51 2.10
CA SER A 217 -9.81 -2.04 3.31
C SER A 217 -9.13 -0.75 3.76
N SER A 218 -9.93 0.15 4.29
CA SER A 218 -9.40 1.37 4.89
CA SER A 218 -9.46 1.45 4.79
C SER A 218 -10.41 1.92 5.89
N TRP A 219 -9.89 2.28 7.06
CA TRP A 219 -10.73 2.89 8.10
C TRP A 219 -10.15 4.29 8.34
N SER A 220 -11.00 5.30 8.19
CA SER A 220 -10.53 6.67 8.25
C SER A 220 -10.17 7.01 9.68
N MET A 221 -9.17 7.86 9.83
CA MET A 221 -8.74 8.33 11.13
C MET A 221 -8.01 9.67 10.98
N THR A 222 -8.09 10.49 12.02
CA THR A 222 -7.41 11.78 12.01
C THR A 222 -5.93 11.56 11.68
N LYS A 223 -5.42 12.33 10.72
CA LYS A 223 -4.10 12.11 10.14
C LYS A 223 -2.97 12.35 11.16
N SER A 224 -3.18 13.25 12.09
CA SER A 224 -2.14 13.50 13.10
C SER A 224 -1.94 12.25 13.95
N PHE A 225 -3.03 11.57 14.30
CA PHE A 225 -2.91 10.35 15.10
C PHE A 225 -2.31 9.20 14.26
N SER A 226 -2.87 8.99 13.05
CA SER A 226 -2.40 7.89 12.21
C SER A 226 -1.01 8.11 11.66
N SER A 227 -0.61 9.37 11.52
CA SER A 227 0.78 9.68 11.12
C SER A 227 1.78 9.38 12.20
N THR A 228 1.37 9.49 13.46
CA THR A 228 2.27 9.26 14.57
C THR A 228 2.32 7.83 15.02
N PHE A 229 1.20 7.11 14.93
CA PHE A 229 1.10 5.77 15.50
C PHE A 229 0.75 4.76 14.41
N SER A 230 1.29 3.56 14.53
CA SER A 230 0.91 2.46 13.63
C SER A 230 -0.31 1.80 14.22
N VAL A 231 -1.46 2.07 13.61
CA VAL A 231 -2.72 1.54 14.13
C VAL A 231 -3.05 0.19 13.53
N GLU A 232 -3.09 -0.83 14.37
CA GLU A 232 -3.52 -2.19 14.02
C GLU A 232 -5.02 -2.25 14.17
N VAL A 233 -5.71 -2.87 13.22
CA VAL A 233 -7.14 -2.98 13.31
C VAL A 233 -7.56 -4.42 13.60
N SER A 234 -8.37 -4.60 14.60
CA SER A 234 -8.97 -5.90 14.87
C SER A 234 -10.45 -5.76 14.57
N ALA A 235 -10.86 -6.27 13.41
CA ALA A 235 -12.23 -6.05 12.91
C ALA A 235 -12.62 -7.06 11.87
N GLY A 236 -13.91 -7.30 11.78
CA GLY A 236 -14.47 -7.90 10.59
C GLY A 236 -14.60 -6.85 9.52
N ILE A 237 -14.78 -7.26 8.27
CA ILE A 237 -15.02 -6.32 7.17
C ILE A 237 -16.25 -6.74 6.39
N PRO A 238 -16.83 -5.81 5.66
CA PRO A 238 -17.94 -6.15 4.79
C PRO A 238 -17.48 -7.10 3.68
N GLU A 239 -18.32 -8.10 3.40
CA GLU A 239 -18.04 -9.10 2.36
C GLU A 239 -19.20 -9.15 1.37
N ILE A 240 -18.90 -9.48 0.13
CA ILE A 240 -19.90 -9.61 -0.93
C ILE A 240 -19.89 -11.02 -1.52
N ALA A 241 -21.08 -11.61 -1.64
CA ALA A 241 -21.27 -12.86 -2.41
C ALA A 241 -22.49 -12.76 -3.34
N GLU A 242 -22.50 -13.56 -4.40
CA GLU A 242 -23.71 -13.75 -5.20
C GLU A 242 -24.40 -15.04 -4.77
N VAL A 243 -25.68 -14.95 -4.42
CA VAL A 243 -26.46 -16.09 -3.94
C VAL A 243 -27.75 -16.24 -4.77
N SER A 244 -28.75 -16.95 -4.24
CA SER A 244 -29.98 -17.28 -4.99
C SER A 244 -30.77 -16.08 -5.54
N THR A 245 -31.25 -15.21 -4.64
CA THR A 245 -32.07 -14.06 -5.03
C THR A 245 -31.25 -12.94 -5.69
N GLY A 246 -29.96 -12.87 -5.35
CA GLY A 246 -29.07 -11.85 -5.89
C GLY A 246 -27.80 -11.71 -5.07
N PHE A 247 -27.34 -10.47 -4.90
CA PHE A 247 -26.12 -10.21 -4.13
C PHE A 247 -26.43 -10.02 -2.65
N SER A 248 -25.47 -10.41 -1.82
CA SER A 248 -25.63 -10.39 -0.38
C SER A 248 -24.39 -9.76 0.28
N ILE A 249 -24.62 -8.82 1.20
CA ILE A 249 -23.56 -8.23 2.04
C ILE A 249 -23.55 -8.86 3.42
N SER A 250 -22.39 -9.29 3.88
CA SER A 250 -22.27 -9.87 5.20
C SER A 250 -21.18 -9.15 6.00
N PHE A 251 -21.29 -9.24 7.31
CA PHE A 251 -20.31 -8.71 8.27
C PHE A 251 -19.34 -9.85 8.56
N GLY A 252 -18.19 -9.82 7.93
CA GLY A 252 -17.19 -10.90 8.02
C GLY A 252 -16.61 -11.12 9.41
N VAL A 253 -15.91 -12.23 9.57
CA VAL A 253 -15.32 -12.62 10.86
C VAL A 253 -14.16 -11.68 11.22
N GLU A 254 -13.97 -11.46 12.52
CA GLU A 254 -12.94 -10.55 13.02
C GLU A 254 -11.53 -11.09 12.73
N SER A 255 -10.67 -10.24 12.19
CA SER A 255 -9.25 -10.55 12.01
C SER A 255 -8.43 -9.30 12.04
N THR A 256 -7.12 -9.46 11.97
CA THR A 256 -6.18 -8.34 12.07
C THR A 256 -5.87 -7.72 10.73
N HIS A 257 -5.98 -6.40 10.66
CA HIS A 257 -5.70 -5.64 9.49
C HIS A 257 -4.79 -4.48 9.80
N SER A 258 -4.21 -3.91 8.77
CA SER A 258 -3.64 -2.57 8.87
C SER A 258 -4.70 -1.51 8.55
N LEU A 259 -4.45 -0.26 8.93
CA LEU A 259 -5.44 0.80 8.76
C LEU A 259 -5.88 1.03 7.32
N GLU A 260 -4.89 0.97 6.44
CA GLU A 260 -5.10 0.92 4.99
CA GLU A 260 -5.09 0.93 4.98
C GLU A 260 -4.45 -0.36 4.55
N GLN A 261 -5.20 -1.21 3.82
CA GLN A 261 -4.69 -2.50 3.44
C GLN A 261 -5.11 -2.84 2.01
N THR A 262 -4.17 -3.43 1.26
CA THR A 262 -4.47 -3.92 -0.09
C THR A 262 -3.85 -5.28 -0.23
N ASP A 263 -4.62 -6.26 -0.70
CA ASP A 263 -4.07 -7.55 -1.04
C ASP A 263 -4.51 -7.93 -2.46
N GLU A 264 -3.62 -8.57 -3.22
CA GLU A 264 -3.98 -9.05 -4.57
C GLU A 264 -3.74 -10.55 -4.68
N LYS A 265 -4.51 -11.20 -5.56
CA LYS A 265 -4.45 -12.63 -5.77
C LYS A 265 -4.86 -12.92 -7.23
N ASN A 266 -4.31 -14.01 -7.80
CA ASN A 266 -4.87 -14.60 -9.03
C ASN A 266 -5.99 -15.54 -8.59
N GLU A 267 -7.24 -15.12 -8.79
CA GLU A 267 -8.38 -16.00 -8.54
C GLU A 267 -8.57 -16.90 -9.75
N THR A 268 -8.82 -18.18 -9.51
CA THR A 268 -8.86 -19.18 -10.56
C THR A 268 -10.00 -20.16 -10.41
N LEU A 269 -10.33 -20.83 -11.50
CA LEU A 269 -11.43 -21.78 -11.57
C LEU A 269 -11.22 -22.73 -12.74
N THR A 270 -11.59 -24.00 -12.54
CA THR A 270 -11.67 -24.97 -13.64
C THR A 270 -13.13 -25.42 -13.75
N THR A 271 -13.69 -25.31 -14.95
CA THR A 271 -15.07 -25.62 -15.21
C THR A 271 -15.18 -26.64 -16.34
N THR A 272 -16.04 -27.63 -16.14
CA THR A 272 -16.32 -28.64 -17.16
C THR A 272 -17.68 -28.37 -17.74
N VAL A 273 -17.72 -28.04 -19.02
CA VAL A 273 -18.95 -27.70 -19.69
C VAL A 273 -19.36 -28.94 -20.49
N GLU A 274 -20.58 -29.41 -20.30
CA GLU A 274 -21.11 -30.50 -21.11
C GLU A 274 -21.79 -29.92 -22.33
N VAL A 275 -21.50 -30.49 -23.49
CA VAL A 275 -22.09 -30.05 -24.74
C VAL A 275 -23.01 -31.16 -25.26
N PRO A 276 -24.34 -30.95 -25.18
CA PRO A 276 -25.28 -31.98 -25.65
C PRO A 276 -25.40 -32.04 -27.17
N PRO A 277 -25.76 -33.21 -27.71
CA PRO A 277 -25.73 -33.50 -29.15
C PRO A 277 -26.50 -32.49 -29.99
N LYS A 278 -25.96 -32.16 -31.17
CA LYS A 278 -26.57 -31.20 -32.08
C LYS A 278 -27.06 -29.94 -31.36
N LYS A 279 -26.18 -29.38 -30.54
CA LYS A 279 -26.47 -28.14 -29.83
C LYS A 279 -25.22 -27.25 -29.68
N LYS A 280 -25.48 -25.95 -29.58
CA LYS A 280 -24.45 -24.94 -29.33
C LYS A 280 -24.56 -24.53 -27.85
N VAL A 281 -23.41 -24.40 -27.17
CA VAL A 281 -23.36 -23.99 -25.77
C VAL A 281 -22.43 -22.79 -25.63
N ASP A 282 -23.00 -21.63 -25.26
CA ASP A 282 -22.24 -20.42 -24.96
C ASP A 282 -21.86 -20.36 -23.48
N VAL A 283 -20.60 -20.05 -23.21
CA VAL A 283 -20.06 -20.04 -21.87
C VAL A 283 -19.66 -18.59 -21.62
N HIS A 284 -20.15 -18.04 -20.52
CA HIS A 284 -19.92 -16.64 -20.20
C HIS A 284 -19.40 -16.60 -18.77
N ILE A 285 -18.18 -16.09 -18.60
CA ILE A 285 -17.49 -16.14 -17.32
C ILE A 285 -17.16 -14.72 -16.88
N THR A 286 -17.62 -14.40 -15.65
CA THR A 286 -17.62 -13.03 -15.12
C THR A 286 -17.25 -13.07 -13.65
N ILE A 287 -17.04 -11.90 -13.07
CA ILE A 287 -16.86 -11.78 -11.63
C ILE A 287 -17.47 -10.45 -11.23
N GLY A 288 -17.90 -10.34 -9.98
CA GLY A 288 -18.48 -9.12 -9.51
C GLY A 288 -17.54 -8.35 -8.59
N ARG A 289 -17.47 -7.05 -8.81
CA ARG A 289 -16.63 -6.17 -7.99
C ARG A 289 -17.51 -5.25 -7.17
N ALA A 290 -17.43 -5.42 -5.85
CA ALA A 290 -18.20 -4.63 -4.90
C ALA A 290 -17.35 -3.51 -4.32
N SER A 291 -17.89 -2.30 -4.29
CA SER A 291 -17.33 -1.22 -3.52
C SER A 291 -18.12 -1.14 -2.20
N PHE A 292 -17.41 -0.80 -1.13
CA PHE A 292 -18.07 -0.48 0.13
C PHE A 292 -17.61 0.91 0.56
N ASP A 293 -18.56 1.68 1.06
CA ASP A 293 -18.29 3.02 1.56
C ASP A 293 -19.36 3.25 2.62
N LEU A 294 -19.03 3.00 3.89
CA LEU A 294 -20.04 3.07 4.95
C LEU A 294 -19.40 3.45 6.27
N PRO A 295 -20.21 4.03 7.19
CA PRO A 295 -19.56 4.42 8.43
C PRO A 295 -19.23 3.26 9.36
N TYR A 296 -18.31 3.51 10.28
CA TYR A 296 -18.00 2.53 11.31
C TYR A 296 -17.88 3.27 12.64
N THR A 297 -18.01 2.48 13.68
CA THR A 297 -17.74 2.90 15.05
C THR A 297 -16.69 1.92 15.58
N GLY A 298 -15.87 2.37 16.53
CA GLY A 298 -14.96 1.46 17.19
C GLY A 298 -14.40 2.10 18.45
N THR A 299 -13.42 1.43 19.00
CA THR A 299 -12.68 1.85 20.19
C THR A 299 -11.21 1.87 19.87
N VAL A 300 -10.57 3.00 20.16
CA VAL A 300 -9.14 3.06 20.07
C VAL A 300 -8.57 2.72 21.43
N LYS A 301 -7.71 1.72 21.46
CA LYS A 301 -7.05 1.28 22.67
C LYS A 301 -5.55 1.43 22.53
N ILE A 302 -4.99 2.33 23.32
CA ILE A 302 -3.59 2.57 23.32
C ILE A 302 -2.98 1.94 24.56
N THR A 303 -2.04 1.02 24.38
CA THR A 303 -1.36 0.38 25.49
C THR A 303 0.05 0.92 25.51
N CYS A 304 0.40 1.57 26.61
CA CYS A 304 1.74 2.12 26.77
C CYS A 304 2.75 1.07 27.17
N LYS A 305 4.02 1.34 26.88
CA LYS A 305 5.14 0.50 27.28
C LYS A 305 5.10 0.27 28.79
N ASN A 306 4.63 1.27 29.54
CA ASN A 306 4.63 1.14 31.01
C ASN A 306 3.45 0.34 31.55
N GLY A 307 2.64 -0.23 30.65
CA GLY A 307 1.52 -1.08 31.06
C GLY A 307 0.19 -0.41 31.20
N SER A 308 0.14 0.93 31.18
CA SER A 308 -1.12 1.63 31.32
C SER A 308 -1.81 1.71 29.97
N VAL A 309 -3.06 2.10 30.01
CA VAL A 309 -3.91 2.19 28.82
C VAL A 309 -4.70 3.48 28.73
N LEU A 310 -4.82 4.01 27.53
CA LEU A 310 -5.74 5.09 27.27
C LEU A 310 -6.66 4.59 26.18
N GLN A 311 -7.96 4.73 26.37
CA GLN A 311 -8.90 4.32 25.34
C GLN A 311 -10.04 5.28 25.19
N TYR A 312 -10.60 5.34 24.00
CA TYR A 312 -11.74 6.17 23.73
C TYR A 312 -12.52 5.65 22.54
N GLU A 313 -13.78 6.06 22.45
CA GLU A 313 -14.66 5.67 21.33
C GLU A 313 -14.35 6.54 20.12
N THR A 314 -14.47 5.97 18.93
CA THR A 314 -14.22 6.72 17.73
C THR A 314 -15.25 6.28 16.69
N LYS A 315 -15.32 7.07 15.63
CA LYS A 315 -16.12 6.77 14.46
C LYS A 315 -15.43 7.30 13.20
N GLY A 316 -15.76 6.72 12.05
CA GLY A 316 -15.11 7.11 10.82
C GLY A 316 -15.87 6.51 9.63
N GLN A 317 -15.17 6.47 8.51
CA GLN A 317 -15.70 5.87 7.31
C GLN A 317 -14.77 4.72 6.90
N TYR A 318 -15.42 3.61 6.56
CA TYR A 318 -14.76 2.45 6.00
C TYR A 318 -14.98 2.43 4.49
N LYS A 319 -13.90 2.18 3.76
CA LYS A 319 -13.97 1.98 2.31
C LYS A 319 -13.32 0.67 2.00
N GLY A 320 -13.98 -0.12 1.16
CA GLY A 320 -13.44 -1.43 0.83
C GLY A 320 -13.82 -1.84 -0.58
N VAL A 321 -12.92 -2.61 -1.21
CA VAL A 321 -13.24 -3.31 -2.46
C VAL A 321 -13.18 -4.80 -2.21
N ALA A 322 -14.21 -5.51 -2.67
CA ALA A 322 -14.27 -6.93 -2.55
C ALA A 322 -14.87 -7.52 -3.84
N TYR A 323 -14.53 -8.77 -4.10
CA TYR A 323 -14.99 -9.47 -5.30
C TYR A 323 -15.82 -10.67 -4.91
N THR A 324 -16.81 -10.97 -5.74
CA THR A 324 -17.51 -12.24 -5.63
C THR A 324 -16.62 -13.40 -6.11
N ASP A 325 -17.16 -14.62 -6.04
CA ASP A 325 -16.53 -15.76 -6.74
C ASP A 325 -16.68 -15.58 -8.24
N ILE A 326 -15.79 -16.23 -9.00
CA ILE A 326 -15.96 -16.31 -10.44
C ILE A 326 -17.28 -17.02 -10.73
N LYS A 327 -18.03 -16.49 -11.68
CA LYS A 327 -19.33 -17.00 -12.05
C LYS A 327 -19.34 -17.49 -13.51
N VAL A 328 -19.86 -18.70 -13.72
CA VAL A 328 -20.00 -19.25 -15.06
C VAL A 328 -21.47 -19.40 -15.41
N ASN A 329 -21.90 -18.77 -16.50
CA ASN A 329 -23.26 -18.90 -17.02
CA ASN A 329 -23.26 -18.91 -17.03
C ASN A 329 -23.20 -19.63 -18.36
N THR A 330 -24.03 -20.65 -18.50
CA THR A 330 -24.07 -21.50 -19.69
C THR A 330 -25.46 -21.48 -20.31
N VAL A 331 -25.52 -21.17 -21.61
CA VAL A 331 -26.77 -21.03 -22.36
C VAL A 331 -26.76 -21.98 -23.56
N GLU A 332 -27.80 -22.83 -23.67
CA GLU A 332 -27.90 -23.82 -24.76
C GLU A 332 -28.74 -23.37 -25.94
N LYS A 333 -28.28 -23.70 -27.15
CA LYS A 333 -29.00 -23.44 -28.39
C LYS A 333 -29.00 -24.70 -29.25
N ASP A 334 -30.01 -24.84 -30.12
CA ASP A 334 -30.04 -25.95 -31.08
C ASP A 334 -29.26 -25.57 -32.34
N LEU A 335 -28.37 -26.46 -32.77
CA LEU A 335 -27.61 -26.34 -34.02
C LEU A 335 -26.58 -27.47 -34.15
N GLY B 18 -3.08 -42.95 -22.76
CA GLY B 18 -1.65 -42.64 -22.50
C GLY B 18 -1.44 -41.32 -21.77
N SER B 19 -0.24 -40.76 -21.95
CA SER B 19 0.14 -39.54 -21.27
C SER B 19 -0.60 -38.33 -21.86
N HIS B 20 -0.66 -37.26 -21.10
CA HIS B 20 -1.39 -36.06 -21.51
C HIS B 20 -0.43 -34.89 -21.46
N MET B 21 -0.43 -34.07 -22.51
CA MET B 21 0.56 -32.98 -22.60
C MET B 21 -0.22 -31.68 -22.50
N THR B 22 0.29 -30.74 -21.71
CA THR B 22 -0.30 -29.40 -21.67
C THR B 22 0.80 -28.37 -21.92
N TYR B 23 0.38 -27.17 -22.29
CA TYR B 23 1.30 -26.13 -22.71
C TYR B 23 0.93 -24.81 -22.06
N PRO B 24 1.90 -23.92 -21.87
CA PRO B 24 1.61 -22.64 -21.21
C PRO B 24 0.89 -21.64 -22.12
N THR B 25 0.91 -21.93 -23.41
CA THR B 25 0.25 -21.09 -24.43
C THR B 25 -0.88 -21.83 -25.13
N ASN B 26 -1.80 -21.04 -25.67
CA ASN B 26 -2.96 -21.53 -26.35
C ASN B 26 -2.99 -20.80 -27.69
N LEU B 27 -2.99 -21.53 -28.81
CA LEU B 27 -2.87 -20.95 -30.14
C LEU B 27 -3.63 -21.81 -31.13
N GLU B 28 -4.62 -21.23 -31.80
CA GLU B 28 -5.37 -21.91 -32.85
CA GLU B 28 -5.38 -21.90 -32.84
C GLU B 28 -5.26 -21.08 -34.12
N ILE B 29 -4.63 -21.67 -35.15
CA ILE B 29 -4.31 -20.96 -36.38
C ILE B 29 -5.37 -21.32 -37.42
N ILE B 30 -5.92 -20.30 -38.07
CA ILE B 30 -6.99 -20.42 -39.06
C ILE B 30 -6.56 -19.86 -40.41
N GLY B 31 -6.85 -20.60 -41.49
CA GLY B 31 -6.64 -20.10 -42.82
C GLY B 31 -6.15 -21.20 -43.76
N GLY B 32 -5.24 -20.85 -44.65
CA GLY B 32 -4.71 -21.81 -45.62
C GLY B 32 -3.28 -22.24 -45.38
N GLN B 33 -2.70 -22.98 -46.34
CA GLN B 33 -1.39 -23.59 -46.16
C GLN B 33 -0.25 -22.86 -46.84
N GLY B 34 -0.57 -21.83 -47.62
CA GLY B 34 0.43 -21.06 -48.35
C GLY B 34 1.28 -20.12 -47.51
N GLY B 35 2.22 -19.47 -48.17
CA GLY B 35 3.02 -18.42 -47.58
C GLY B 35 4.17 -18.91 -46.74
N SER B 36 4.84 -17.96 -46.09
CA SER B 36 6.02 -18.21 -45.26
C SER B 36 5.68 -18.04 -43.80
N SER B 37 6.22 -18.91 -42.97
CA SER B 37 5.91 -18.92 -41.53
C SER B 37 6.43 -17.70 -40.83
N PHE B 38 5.65 -17.23 -39.84
CA PHE B 38 6.08 -16.18 -38.92
C PHE B 38 5.63 -16.50 -37.52
N SER B 39 6.41 -16.02 -36.56
CA SER B 39 6.07 -16.13 -35.15
C SER B 39 6.50 -14.83 -34.48
N PHE B 40 5.54 -14.12 -33.89
CA PHE B 40 5.75 -12.80 -33.38
C PHE B 40 5.07 -12.73 -32.00
N THR B 41 5.79 -13.21 -30.98
CA THR B 41 5.20 -13.38 -29.66
C THR B 41 6.14 -13.06 -28.51
N GLY B 42 5.52 -12.86 -27.35
CA GLY B 42 6.20 -12.65 -26.08
C GLY B 42 6.55 -13.90 -25.30
N GLU B 43 6.58 -15.06 -25.94
CA GLU B 43 6.98 -16.29 -25.25
C GLU B 43 8.34 -16.20 -24.59
N ASN B 44 9.25 -15.47 -25.21
CA ASN B 44 10.60 -15.32 -24.71
C ASN B 44 10.73 -14.43 -23.47
N ASN B 45 9.81 -13.47 -23.30
CA ASN B 45 10.00 -12.42 -22.31
C ASN B 45 8.72 -11.87 -21.65
N GLY B 46 7.61 -12.57 -21.85
CA GLY B 46 6.34 -12.14 -21.29
C GLY B 46 5.72 -10.90 -21.94
N ALA B 47 6.23 -10.48 -23.09
CA ALA B 47 5.65 -9.29 -23.75
C ALA B 47 4.26 -9.63 -24.25
N SER B 48 3.41 -8.62 -24.31
CA SER B 48 2.02 -8.77 -24.79
C SER B 48 1.79 -7.98 -26.04
N LEU B 49 0.72 -8.32 -26.76
CA LEU B 49 0.26 -7.53 -27.90
C LEU B 49 -0.29 -6.19 -27.39
N GLU B 50 0.37 -5.12 -27.81
CA GLU B 50 0.02 -3.77 -27.43
C GLU B 50 -0.78 -3.00 -28.47
N LYS B 51 -0.56 -3.27 -29.75
CA LYS B 51 -1.30 -2.58 -30.79
C LYS B 51 -1.33 -3.44 -32.02
N ILE B 52 -2.43 -3.35 -32.78
CA ILE B 52 -2.55 -4.09 -34.01
C ILE B 52 -3.22 -3.22 -35.06
N TRP B 53 -2.70 -3.30 -36.28
CA TRP B 53 -3.28 -2.72 -37.46
C TRP B 53 -3.60 -3.87 -38.43
N VAL B 54 -4.79 -3.81 -39.04
CA VAL B 54 -5.26 -4.87 -39.94
C VAL B 54 -5.74 -4.22 -41.22
N TRP B 55 -5.21 -4.73 -42.33
CA TRP B 55 -5.64 -4.36 -43.67
C TRP B 55 -6.42 -5.53 -44.28
N VAL B 56 -7.42 -5.19 -45.09
CA VAL B 56 -8.27 -6.22 -45.68
C VAL B 56 -8.35 -6.07 -47.19
N GLY B 57 -8.66 -7.18 -47.85
CA GLY B 57 -9.01 -7.15 -49.26
C GLY B 57 -10.32 -7.85 -49.48
N GLY B 58 -10.65 -8.10 -50.74
CA GLY B 58 -11.92 -8.72 -51.07
C GLY B 58 -12.10 -10.14 -50.57
N TRP B 59 -11.02 -10.91 -50.52
CA TRP B 59 -11.11 -12.34 -50.23
C TRP B 59 -10.06 -12.80 -49.22
N GLN B 60 -9.56 -11.84 -48.41
CA GLN B 60 -8.49 -12.10 -47.48
C GLN B 60 -8.39 -10.98 -46.45
N ILE B 61 -7.83 -11.35 -45.30
CA ILE B 61 -7.04 -10.40 -44.51
C ILE B 61 -5.72 -10.18 -45.26
N LYS B 62 -5.49 -8.91 -45.57
CA LYS B 62 -4.41 -8.52 -46.44
C LYS B 62 -3.06 -8.44 -45.74
N ALA B 63 -3.05 -7.87 -44.54
CA ALA B 63 -1.81 -7.70 -43.80
C ALA B 63 -2.12 -7.37 -42.36
N VAL B 64 -1.13 -7.60 -41.50
CA VAL B 64 -1.28 -7.30 -40.08
C VAL B 64 0.05 -6.72 -39.62
N ARG B 65 -0.01 -5.59 -38.94
CA ARG B 65 1.17 -5.02 -38.30
C ARG B 65 0.88 -5.09 -36.81
N ALA B 66 1.84 -5.60 -36.06
CA ALA B 66 1.67 -5.76 -34.64
C ALA B 66 2.82 -5.16 -33.87
N TRP B 67 2.47 -4.58 -32.73
CA TRP B 67 3.45 -4.10 -31.76
C TRP B 67 3.32 -4.89 -30.48
N LEU B 68 4.47 -5.30 -29.92
CA LEU B 68 4.46 -5.95 -28.62
C LEU B 68 4.94 -4.96 -27.56
N SER B 69 4.64 -5.27 -26.30
CA SER B 69 4.91 -4.37 -25.18
C SER B 69 6.41 -4.18 -24.92
N ASP B 70 7.26 -5.00 -25.52
CA ASP B 70 8.73 -4.77 -25.46
C ASP B 70 9.25 -3.85 -26.55
N GLY B 71 8.35 -3.29 -27.37
CA GLY B 71 8.74 -2.38 -28.45
C GLY B 71 8.95 -3.00 -29.81
N ARG B 72 8.91 -4.33 -29.89
CA ARG B 72 8.93 -4.99 -31.19
C ARG B 72 7.73 -4.54 -32.05
N ASP B 73 7.99 -4.49 -33.34
CA ASP B 73 7.06 -3.95 -34.35
C ASP B 73 7.36 -4.63 -35.67
N GLU B 74 6.42 -5.44 -36.17
CA GLU B 74 6.61 -6.16 -37.43
C GLU B 74 5.32 -6.19 -38.23
N THR B 75 5.47 -6.25 -39.54
CA THR B 75 4.36 -6.38 -40.46
C THR B 75 4.43 -7.68 -41.24
N PHE B 76 3.27 -8.31 -41.40
CA PHE B 76 3.11 -9.58 -42.10
C PHE B 76 2.07 -9.38 -43.17
N GLY B 77 2.31 -9.96 -44.36
CA GLY B 77 1.52 -9.62 -45.53
C GLY B 77 1.91 -8.23 -46.04
N VAL B 78 1.29 -7.86 -47.14
CA VAL B 78 1.58 -6.59 -47.82
C VAL B 78 0.37 -5.68 -47.69
N PRO B 79 0.51 -4.57 -46.95
CA PRO B 79 -0.62 -3.65 -46.78
C PRO B 79 -1.15 -3.10 -48.09
N SER B 80 -2.46 -2.98 -48.16
CA SER B 80 -3.12 -2.24 -49.21
C SER B 80 -4.35 -1.59 -48.64
N GLY B 81 -4.64 -0.37 -49.08
CA GLY B 81 -5.76 0.36 -48.54
C GLY B 81 -5.51 0.88 -47.12
N SER B 82 -6.60 1.25 -46.47
CA SER B 82 -6.53 1.76 -45.10
CA SER B 82 -6.58 1.77 -45.10
C SER B 82 -6.50 0.60 -44.11
N HIS B 83 -6.06 0.91 -42.89
CA HIS B 83 -6.05 -0.09 -41.85
C HIS B 83 -7.04 0.23 -40.74
N GLN B 84 -7.46 -0.80 -40.02
CA GLN B 84 -8.17 -0.66 -38.76
C GLN B 84 -7.18 -0.91 -37.64
N GLU B 85 -7.39 -0.25 -36.50
CA GLU B 85 -6.46 -0.30 -35.38
C GLU B 85 -7.17 -0.74 -34.09
N TYR B 86 -6.46 -1.51 -33.26
CA TYR B 86 -6.81 -1.63 -31.86
C TYR B 86 -5.57 -1.38 -31.05
N VAL B 87 -5.70 -0.52 -30.05
CA VAL B 87 -4.59 -0.27 -29.12
CA VAL B 87 -4.63 -0.21 -29.08
C VAL B 87 -5.03 -0.76 -27.72
N PHE B 88 -4.23 -1.64 -27.13
CA PHE B 88 -4.52 -2.24 -25.85
C PHE B 88 -3.85 -1.43 -24.75
N THR B 89 -4.62 -1.00 -23.77
CA THR B 89 -4.05 -0.35 -22.58
C THR B 89 -3.51 -1.40 -21.61
N PRO B 90 -2.56 -1.02 -20.73
CA PRO B 90 -2.10 -2.06 -19.78
C PRO B 90 -3.22 -2.67 -18.96
N GLY B 91 -3.22 -4.00 -18.86
CA GLY B 91 -4.25 -4.69 -18.14
C GLY B 91 -5.46 -5.06 -18.99
N GLU B 92 -5.53 -4.55 -20.22
CA GLU B 92 -6.67 -4.81 -21.09
C GLU B 92 -6.42 -6.15 -21.78
N CYS B 93 -7.20 -7.16 -21.42
CA CYS B 93 -7.02 -8.54 -21.90
C CYS B 93 -8.16 -8.85 -22.85
N PHE B 94 -7.99 -9.86 -23.68
CA PHE B 94 -9.10 -10.34 -24.49
C PHE B 94 -10.08 -11.05 -23.57
N THR B 95 -11.38 -10.93 -23.87
CA THR B 95 -12.41 -11.75 -23.28
C THR B 95 -12.90 -12.82 -24.26
N SER B 96 -12.80 -12.52 -25.55
CA SER B 96 -13.31 -13.44 -26.56
C SER B 96 -12.60 -13.16 -27.88
N LEU B 97 -12.59 -14.15 -28.75
CA LEU B 97 -11.92 -14.04 -30.02
C LEU B 97 -12.60 -15.08 -30.94
N SER B 98 -12.95 -14.63 -32.12
CA SER B 98 -13.29 -15.55 -33.24
C SER B 98 -12.48 -15.25 -34.45
N LEU B 99 -12.12 -16.31 -35.17
CA LEU B 99 -11.49 -16.15 -36.46
C LEU B 99 -12.33 -16.85 -37.51
N TRP B 100 -12.19 -16.33 -38.71
CA TRP B 100 -12.77 -16.93 -39.92
C TRP B 100 -11.71 -17.10 -40.97
N GLY B 101 -11.82 -18.19 -41.74
CA GLY B 101 -11.05 -18.28 -42.97
C GLY B 101 -11.78 -17.45 -44.03
N ASN B 102 -11.37 -17.58 -45.28
CA ASN B 102 -12.02 -16.90 -46.37
C ASN B 102 -13.05 -17.80 -47.09
N GLY B 103 -13.32 -18.97 -46.54
CA GLY B 103 -14.36 -19.85 -47.06
C GLY B 103 -13.74 -20.90 -47.97
N ALA B 104 -12.77 -20.47 -48.76
CA ALA B 104 -12.02 -21.32 -49.70
C ALA B 104 -10.92 -22.10 -49.02
N GLY B 105 -10.65 -21.74 -47.77
CA GLY B 105 -9.57 -22.37 -47.05
C GLY B 105 -8.18 -21.97 -47.49
N THR B 106 -8.05 -20.80 -48.09
CA THR B 106 -6.74 -20.35 -48.60
C THR B 106 -6.15 -19.11 -47.93
N ARG B 107 -6.97 -18.40 -47.19
CA ARG B 107 -6.52 -17.18 -46.46
C ARG B 107 -7.26 -17.05 -45.14
N LEU B 108 -6.70 -16.29 -44.20
CA LEU B 108 -7.51 -15.79 -43.12
C LEU B 108 -8.54 -14.82 -43.71
N GLY B 109 -9.77 -14.84 -43.20
CA GLY B 109 -10.81 -13.99 -43.73
C GLY B 109 -11.35 -12.92 -42.79
N ALA B 110 -11.29 -13.19 -41.48
CA ALA B 110 -11.83 -12.22 -40.51
C ALA B 110 -11.33 -12.49 -39.12
N ILE B 111 -11.30 -11.39 -38.34
CA ILE B 111 -10.87 -11.35 -36.94
C ILE B 111 -11.90 -10.58 -36.15
N LYS B 112 -12.41 -11.17 -35.08
CA LYS B 112 -13.31 -10.48 -34.15
C LYS B 112 -12.89 -10.73 -32.72
N PHE B 113 -12.72 -9.67 -31.94
CA PHE B 113 -12.45 -9.86 -30.54
C PHE B 113 -13.12 -8.79 -29.66
N LYS B 114 -13.21 -9.12 -28.40
CA LYS B 114 -13.71 -8.21 -27.37
C LYS B 114 -12.74 -8.25 -26.21
N THR B 115 -12.71 -7.16 -25.46
CA THR B 115 -11.77 -7.01 -24.36
C THR B 115 -12.48 -6.79 -23.03
N ASN B 116 -11.73 -6.95 -21.96
CA ASN B 116 -12.24 -6.77 -20.64
C ASN B 116 -12.50 -5.31 -20.27
N LYS B 117 -12.17 -4.40 -21.17
CA LYS B 117 -12.55 -3.00 -21.00
C LYS B 117 -13.74 -2.59 -21.81
N GLY B 118 -14.42 -3.56 -22.41
CA GLY B 118 -15.61 -3.32 -23.17
C GLY B 118 -15.41 -3.00 -24.64
N GLY B 119 -14.19 -3.11 -25.13
CA GLY B 119 -13.89 -2.86 -26.52
C GLY B 119 -14.24 -4.04 -27.39
N GLU B 120 -14.46 -3.75 -28.65
CA GLU B 120 -14.68 -4.78 -29.68
C GLU B 120 -13.98 -4.32 -30.96
N PHE B 121 -13.46 -5.29 -31.74
CA PHE B 121 -12.76 -5.07 -32.97
C PHE B 121 -13.23 -6.13 -33.94
N PHE B 122 -13.55 -5.73 -35.16
CA PHE B 122 -13.98 -6.66 -36.23
C PHE B 122 -13.39 -6.19 -37.54
N ALA B 123 -12.49 -7.00 -38.10
CA ALA B 123 -11.93 -6.76 -39.41
C ALA B 123 -12.21 -7.95 -40.28
N HIS B 124 -12.65 -7.70 -41.50
CA HIS B 124 -13.02 -8.79 -42.40
C HIS B 124 -12.83 -8.44 -43.87
N MET B 125 -12.60 -9.48 -44.66
CA MET B 125 -12.63 -9.38 -46.09
C MET B 125 -13.94 -8.72 -46.53
N THR B 126 -13.86 -8.02 -47.65
CA THR B 126 -14.91 -7.10 -48.06
C THR B 126 -15.84 -7.59 -49.15
N SER B 127 -15.46 -8.64 -49.86
CA SER B 127 -16.30 -9.09 -51.00
C SER B 127 -16.94 -10.47 -50.77
N TRP B 128 -16.12 -11.47 -50.52
CA TRP B 128 -16.63 -12.82 -50.22
C TRP B 128 -17.31 -12.85 -48.86
N GLY B 129 -18.34 -13.68 -48.72
CA GLY B 129 -19.07 -13.80 -47.48
C GLY B 129 -18.35 -14.64 -46.45
N LEU B 130 -18.56 -14.31 -45.19
CA LEU B 130 -18.03 -15.14 -44.10
C LEU B 130 -18.80 -16.46 -43.94
N LYS B 131 -18.04 -17.53 -43.75
CA LYS B 131 -18.61 -18.88 -43.54
C LYS B 131 -18.40 -19.33 -42.08
N THR B 132 -17.64 -20.39 -41.82
CA THR B 132 -17.54 -20.96 -40.48
C THR B 132 -16.79 -20.07 -39.50
N GLU B 133 -17.47 -19.72 -38.42
CA GLU B 133 -16.85 -19.01 -37.30
C GLU B 133 -16.13 -19.98 -36.39
N TYR B 134 -14.90 -19.65 -36.00
CA TYR B 134 -14.07 -20.45 -35.08
C TYR B 134 -13.84 -19.66 -33.78
N PRO B 135 -14.69 -19.86 -32.77
CA PRO B 135 -14.52 -19.18 -31.49
C PRO B 135 -13.37 -19.82 -30.72
N MET B 136 -12.54 -18.97 -30.11
CA MET B 136 -11.35 -19.41 -29.46
C MET B 136 -11.40 -19.25 -27.95
N ASP B 137 -10.67 -20.11 -27.24
CA ASP B 137 -10.45 -19.98 -25.83
C ASP B 137 -9.27 -19.06 -25.59
N VAL B 138 -9.53 -17.89 -25.00
CA VAL B 138 -8.45 -16.91 -24.78
C VAL B 138 -7.57 -17.19 -23.54
N GLY B 139 -7.79 -18.31 -22.88
CA GLY B 139 -6.90 -18.70 -21.77
C GLY B 139 -7.05 -17.68 -20.65
N SER B 140 -5.94 -17.08 -20.25
CA SER B 140 -5.94 -16.03 -19.26
C SER B 140 -6.48 -14.74 -19.81
N GLY B 141 -6.55 -14.64 -21.13
CA GLY B 141 -6.88 -13.38 -21.81
C GLY B 141 -5.68 -12.56 -22.21
N TYR B 142 -4.50 -12.90 -21.67
CA TYR B 142 -3.27 -12.17 -21.93
C TYR B 142 -2.70 -12.68 -23.24
N CYS B 143 -2.70 -11.83 -24.25
CA CYS B 143 -2.23 -12.18 -25.60
C CYS B 143 -0.76 -11.89 -25.77
N LEU B 144 0.00 -12.94 -26.03
CA LEU B 144 1.45 -12.88 -26.28
C LEU B 144 1.83 -12.42 -27.69
N GLY B 145 0.90 -12.47 -28.66
CA GLY B 145 1.22 -12.12 -30.01
C GLY B 145 0.48 -12.96 -31.04
N ILE B 146 1.10 -13.10 -32.21
CA ILE B 146 0.47 -13.71 -33.36
C ILE B 146 1.43 -14.65 -34.04
N VAL B 147 0.87 -15.68 -34.63
CA VAL B 147 1.65 -16.71 -35.30
C VAL B 147 0.86 -17.10 -36.57
N GLY B 148 1.57 -17.31 -37.67
CA GLY B 148 0.88 -17.72 -38.88
C GLY B 148 1.80 -17.87 -40.09
N ARG B 149 1.23 -17.66 -41.25
CA ARG B 149 2.01 -17.65 -42.48
C ARG B 149 1.51 -16.49 -43.32
N GLY B 150 2.45 -15.85 -44.01
CA GLY B 150 2.12 -14.73 -44.88
C GLY B 150 2.95 -14.65 -46.15
N GLY B 151 2.43 -13.94 -47.14
CA GLY B 151 3.12 -13.69 -48.41
C GLY B 151 2.69 -12.31 -48.83
N SER B 152 1.95 -12.25 -49.92
CA SER B 152 1.24 -11.03 -50.30
C SER B 152 0.16 -10.74 -49.26
N ASP B 153 -0.45 -11.82 -48.76
CA ASP B 153 -1.60 -11.72 -47.84
C ASP B 153 -1.32 -12.47 -46.53
N ILE B 154 -2.31 -12.49 -45.64
CA ILE B 154 -2.25 -13.37 -44.46
C ILE B 154 -2.86 -14.71 -44.85
N ASP B 155 -1.97 -15.68 -45.12
CA ASP B 155 -2.40 -17.02 -45.50
C ASP B 155 -3.13 -17.73 -44.38
N CYS B 156 -2.58 -17.65 -43.16
CA CYS B 156 -3.22 -18.13 -41.96
C CYS B 156 -2.66 -17.38 -40.75
N MET B 157 -3.44 -17.35 -39.69
CA MET B 157 -2.98 -16.71 -38.45
C MET B 157 -3.74 -17.21 -37.24
N GLY B 158 -3.08 -17.18 -36.09
CA GLY B 158 -3.73 -17.31 -34.82
C GLY B 158 -3.16 -16.30 -33.81
N PHE B 159 -3.93 -16.05 -32.76
CA PHE B 159 -3.51 -15.23 -31.61
C PHE B 159 -3.03 -16.17 -30.52
N MET B 160 -1.83 -15.92 -30.02
CA MET B 160 -1.30 -16.75 -28.96
C MET B 160 -1.65 -16.15 -27.60
N PHE B 161 -2.24 -16.96 -26.74
CA PHE B 161 -2.57 -16.57 -25.37
C PHE B 161 -1.79 -17.34 -24.35
N LEU B 162 -1.47 -16.67 -23.24
CA LEU B 162 -1.06 -17.43 -22.03
C LEU B 162 -2.28 -18.12 -21.49
N ASN B 163 -2.17 -19.43 -21.21
CA ASN B 163 -3.25 -20.15 -20.55
C ASN B 163 -3.48 -19.64 -19.13
N ALA B 164 -4.63 -19.99 -18.58
CA ALA B 164 -5.01 -19.51 -17.28
C ALA B 164 -3.91 -19.83 -16.28
N VAL B 165 -3.63 -18.86 -15.41
CA VAL B 165 -2.47 -18.91 -14.55
CA VAL B 165 -2.46 -18.92 -14.52
C VAL B 165 -2.85 -19.30 -13.10
N GLN B 166 -2.04 -20.15 -12.50
CA GLN B 166 -2.17 -20.53 -11.10
C GLN B 166 -1.34 -19.56 -10.25
N SER B 167 -0.10 -19.32 -10.67
CA SER B 167 0.79 -18.39 -9.94
C SER B 167 1.77 -17.74 -10.88
N THR B 168 2.19 -16.52 -10.51
CA THR B 168 3.19 -15.76 -11.21
C THR B 168 4.13 -15.22 -10.13
N VAL B 169 5.39 -15.64 -10.19
CA VAL B 169 6.35 -15.36 -9.11
C VAL B 169 7.64 -14.81 -9.67
N LEU B 170 8.13 -13.73 -9.05
CA LEU B 170 9.45 -13.22 -9.30
C LEU B 170 10.39 -13.85 -8.28
N THR B 171 11.38 -14.59 -8.74
CA THR B 171 12.33 -15.25 -7.84
C THR B 171 13.75 -15.11 -8.33
N ASN B 172 14.69 -15.81 -7.67
CA ASN B 172 16.10 -15.71 -8.00
CA ASN B 172 16.10 -15.71 -8.01
C ASN B 172 16.52 -14.26 -8.14
N VAL B 173 16.13 -13.45 -7.17
CA VAL B 173 16.38 -12.00 -7.24
C VAL B 173 17.77 -11.67 -6.71
N ASN B 174 18.54 -10.91 -7.49
CA ASN B 174 19.85 -10.45 -7.08
C ASN B 174 19.90 -8.93 -7.22
N TYR B 175 20.73 -8.29 -6.41
CA TYR B 175 21.00 -6.86 -6.49
C TYR B 175 22.48 -6.74 -6.82
N PRO B 176 22.80 -6.67 -8.11
CA PRO B 176 24.23 -6.77 -8.49
C PRO B 176 25.14 -5.65 -8.00
N THR B 177 24.57 -4.50 -7.65
CA THR B 177 25.38 -3.39 -7.13
C THR B 177 25.39 -3.25 -5.61
N ILE B 178 24.73 -4.17 -4.91
CA ILE B 178 24.50 -3.95 -3.49
C ILE B 178 25.76 -3.83 -2.66
N ASN B 179 26.81 -4.57 -3.02
CA ASN B 179 28.02 -4.54 -2.20
C ASN B 179 28.92 -3.35 -2.52
N GLN B 180 28.61 -2.60 -3.58
CA GLN B 180 29.36 -1.38 -3.96
CA GLN B 180 29.40 -1.40 -3.88
C GLN B 180 28.76 -0.15 -3.31
N LEU B 181 27.51 -0.27 -2.88
CA LEU B 181 26.71 0.88 -2.48
C LEU B 181 27.27 1.54 -1.23
N ILE B 182 27.36 2.87 -1.23
CA ILE B 182 27.75 3.59 -0.02
C ILE B 182 26.47 3.96 0.71
N PRO B 183 26.35 3.51 1.98
CA PRO B 183 25.15 3.82 2.74
C PRO B 183 24.86 5.34 2.82
N LYS B 184 23.65 5.72 2.45
CA LYS B 184 23.16 7.10 2.62
C LYS B 184 21.98 6.95 3.56
N VAL B 185 22.12 7.45 4.79
CA VAL B 185 21.12 7.19 5.85
C VAL B 185 20.77 8.51 6.51
N ALA B 186 19.49 8.84 6.54
CA ALA B 186 19.03 10.10 7.14
C ALA B 186 18.71 9.88 8.61
N THR B 187 19.11 10.81 9.46
CA THR B 187 18.81 10.69 10.89
C THR B 187 17.43 11.25 11.15
N GLU B 188 16.61 10.49 11.88
CA GLU B 188 15.35 11.01 12.38
C GLU B 188 15.49 11.10 13.89
N GLU B 189 15.29 12.31 14.41
CA GLU B 189 15.32 12.53 15.87
C GLU B 189 14.05 11.96 16.49
N ILE B 190 14.20 11.19 17.58
CA ILE B 190 13.03 10.72 18.28
C ILE B 190 12.77 11.51 19.58
N LYS B 191 13.77 11.51 20.46
CA LYS B 191 13.68 12.28 21.70
C LYS B 191 15.04 12.54 22.28
N SER B 192 15.14 13.64 23.00
CA SER B 192 16.34 14.00 23.70
CA SER B 192 16.32 13.94 23.74
C SER B 192 15.92 14.55 25.08
N VAL B 193 16.75 14.30 26.06
CA VAL B 193 16.53 14.82 27.39
C VAL B 193 17.87 14.82 28.11
N SER B 194 17.99 15.63 29.14
CA SER B 194 19.22 15.66 29.92
CA SER B 194 19.22 15.64 29.91
C SER B 194 18.89 15.41 31.38
N PHE B 195 19.86 14.86 32.11
CA PHE B 195 19.75 14.60 33.54
C PHE B 195 21.00 15.17 34.21
N GLU B 196 20.86 15.55 35.46
CA GLU B 196 22.04 16.00 36.16
C GLU B 196 22.09 15.35 37.54
N ASN B 197 23.31 15.01 37.95
CA ASN B 197 23.56 14.30 39.19
C ASN B 197 24.56 15.09 40.02
N LYS B 198 24.04 15.83 40.99
CA LYS B 198 24.85 16.71 41.85
C LYS B 198 25.45 15.95 43.04
N THR B 199 25.18 14.65 43.13
CA THR B 199 25.64 13.84 44.26
C THR B 199 26.98 13.14 43.97
N SER B 200 27.49 12.42 44.97
CA SER B 200 28.75 11.69 44.83
C SER B 200 28.53 10.23 44.44
N VAL B 201 27.28 9.86 44.11
CA VAL B 201 26.95 8.47 43.71
C VAL B 201 26.14 8.46 42.42
N LYS B 202 26.47 7.51 41.54
CA LYS B 202 25.76 7.33 40.25
C LYS B 202 24.24 7.15 40.43
N GLN B 203 23.48 7.63 39.43
CA GLN B 203 22.02 7.53 39.38
C GLN B 203 21.54 6.83 38.08
N GLU B 204 20.37 6.16 38.16
CA GLU B 204 19.76 5.39 37.05
CA GLU B 204 19.81 5.44 37.01
C GLU B 204 18.43 6.01 36.60
N GLN B 205 18.33 6.42 35.34
CA GLN B 205 17.07 6.94 34.78
C GLN B 205 16.59 6.02 33.68
N LYS B 206 15.31 5.70 33.72
CA LYS B 206 14.70 4.87 32.69
C LYS B 206 14.07 5.77 31.64
N VAL B 207 14.26 5.42 30.38
CA VAL B 207 13.66 6.17 29.28
C VAL B 207 13.01 5.19 28.29
N GLU B 208 11.71 5.36 28.03
CA GLU B 208 11.02 4.52 27.07
C GLU B 208 10.86 5.30 25.77
N THR B 209 10.97 4.59 24.64
CA THR B 209 10.91 5.22 23.32
C THR B 209 9.95 4.46 22.43
N SER B 210 9.13 5.17 21.67
CA SER B 210 8.27 4.56 20.63
C SER B 210 8.38 5.41 19.39
N LYS B 211 8.40 4.79 18.21
CA LYS B 211 8.57 5.52 16.96
C LYS B 211 7.93 4.72 15.83
N LYS B 212 6.98 5.33 15.12
CA LYS B 212 6.39 4.70 13.92
C LYS B 212 7.44 4.67 12.79
N VAL B 213 7.56 3.52 12.15
CA VAL B 213 8.39 3.44 10.94
C VAL B 213 7.53 2.83 9.83
N ILE B 214 7.74 3.28 8.60
CA ILE B 214 7.02 2.74 7.43
C ILE B 214 8.07 2.16 6.51
N LYS B 215 8.06 0.83 6.34
CA LYS B 215 9.06 0.14 5.54
C LYS B 215 8.41 -0.22 4.21
N THR B 216 9.14 -0.07 3.11
CA THR B 216 8.57 -0.33 1.81
C THR B 216 9.51 -1.14 0.93
N SER B 217 8.90 -1.86 0.00
CA SER B 217 9.62 -2.57 -1.04
C SER B 217 8.83 -2.46 -2.35
N SER B 218 9.55 -2.32 -3.46
CA SER B 218 8.92 -2.34 -4.77
CA SER B 218 8.95 -2.22 -4.80
C SER B 218 9.93 -2.82 -5.81
N TRP B 219 9.48 -3.76 -6.63
CA TRP B 219 10.29 -4.22 -7.78
C TRP B 219 9.53 -3.82 -9.05
N SER B 220 10.19 -3.04 -9.89
CA SER B 220 9.56 -2.51 -11.11
C SER B 220 9.27 -3.66 -12.06
N MET B 221 8.19 -3.52 -12.82
CA MET B 221 7.83 -4.51 -13.84
C MET B 221 6.94 -3.85 -14.88
N THR B 222 6.98 -4.38 -16.09
CA THR B 222 6.15 -3.81 -17.15
C THR B 222 4.70 -3.81 -16.69
N LYS B 223 4.06 -2.66 -16.86
CA LYS B 223 2.74 -2.45 -16.31
C LYS B 223 1.69 -3.36 -16.97
N SER B 224 1.85 -3.72 -18.24
CA SER B 224 0.86 -4.62 -18.86
C SER B 224 0.82 -5.96 -18.06
N PHE B 225 1.99 -6.48 -17.73
CA PHE B 225 2.10 -7.75 -16.99
C PHE B 225 1.58 -7.65 -15.56
N SER B 226 2.08 -6.67 -14.80
CA SER B 226 1.68 -6.55 -13.40
C SER B 226 0.23 -6.08 -13.20
N SER B 227 -0.37 -5.45 -14.23
CA SER B 227 -1.80 -5.13 -14.14
C SER B 227 -2.70 -6.35 -14.35
N THR B 228 -2.20 -7.34 -15.10
CA THR B 228 -2.99 -8.53 -15.38
C THR B 228 -2.80 -9.67 -14.38
N PHE B 229 -1.59 -9.80 -13.83
CA PHE B 229 -1.22 -10.91 -12.95
C PHE B 229 -0.83 -10.39 -11.56
N SER B 230 -1.20 -11.15 -10.54
CA SER B 230 -0.72 -10.83 -9.17
C SER B 230 0.64 -11.45 -9.00
N VAL B 231 1.69 -10.63 -8.99
CA VAL B 231 3.03 -11.15 -8.99
C VAL B 231 3.50 -11.22 -7.56
N GLU B 232 3.73 -12.44 -7.09
CA GLU B 232 4.31 -12.67 -5.77
C GLU B 232 5.81 -12.61 -5.93
N VAL B 233 6.50 -12.14 -4.90
CA VAL B 233 7.94 -12.00 -5.00
C VAL B 233 8.58 -12.88 -3.93
N SER B 234 9.54 -13.70 -4.35
CA SER B 234 10.34 -14.50 -3.43
C SER B 234 11.77 -13.93 -3.46
N ALA B 235 12.11 -13.11 -2.46
CA ALA B 235 13.36 -12.36 -2.55
C ALA B 235 13.85 -11.86 -1.20
N GLY B 236 15.18 -11.79 -1.05
CA GLY B 236 15.78 -10.98 0.00
C GLY B 236 15.64 -9.50 -0.35
N ILE B 237 15.72 -8.62 0.64
CA ILE B 237 15.72 -7.17 0.37
C ILE B 237 16.92 -6.52 1.00
N PRO B 238 17.30 -5.36 0.50
CA PRO B 238 18.36 -4.66 1.19
C PRO B 238 17.93 -4.22 2.60
N GLU B 239 18.86 -4.31 3.54
CA GLU B 239 18.63 -3.94 4.95
C GLU B 239 19.71 -2.92 5.31
N ILE B 240 19.39 -2.06 6.27
CA ILE B 240 20.34 -1.08 6.80
C ILE B 240 20.51 -1.25 8.31
N ALA B 241 21.75 -1.11 8.77
CA ALA B 241 22.07 -1.18 10.20
C ALA B 241 23.20 -0.23 10.54
N GLU B 242 23.29 0.19 11.81
CA GLU B 242 24.47 0.94 12.26
C GLU B 242 25.39 -0.01 13.03
N VAL B 243 26.65 -0.02 12.64
CA VAL B 243 27.69 -0.84 13.25
C VAL B 243 28.69 0.11 13.95
N SER B 244 29.60 -0.43 14.75
CA SER B 244 30.71 0.36 15.31
C SER B 244 31.40 1.22 14.24
N THR B 245 31.73 0.60 13.11
CA THR B 245 32.42 1.29 11.99
C THR B 245 31.54 2.25 11.17
N GLY B 246 30.23 2.28 11.43
CA GLY B 246 29.30 3.14 10.68
C GLY B 246 28.13 2.32 10.16
N PHE B 247 27.45 2.83 9.13
CA PHE B 247 26.27 2.13 8.59
C PHE B 247 26.69 0.97 7.72
N SER B 248 25.83 -0.03 7.61
CA SER B 248 26.12 -1.24 6.88
C SER B 248 24.88 -1.72 6.14
N ILE B 249 25.03 -1.94 4.83
CA ILE B 249 23.99 -2.53 3.97
C ILE B 249 24.23 -4.03 3.86
N SER B 250 23.18 -4.81 4.08
CA SER B 250 23.20 -6.24 3.89
C SER B 250 22.06 -6.66 2.94
N PHE B 251 22.24 -7.84 2.39
CA PHE B 251 21.27 -8.52 1.53
C PHE B 251 20.52 -9.45 2.46
N GLY B 252 19.30 -9.07 2.82
CA GLY B 252 18.49 -9.83 3.77
C GLY B 252 18.07 -11.21 3.30
N VAL B 253 17.59 -12.01 4.24
CA VAL B 253 17.14 -13.38 3.95
C VAL B 253 15.90 -13.39 3.05
N GLU B 254 15.82 -14.39 2.20
CA GLU B 254 14.71 -14.52 1.25
C GLU B 254 13.38 -14.79 1.95
N SER B 255 12.35 -14.05 1.55
CA SER B 255 11.01 -14.27 2.03
C SER B 255 9.99 -13.81 1.00
N THR B 256 8.71 -14.06 1.28
CA THR B 256 7.61 -13.66 0.40
C THR B 256 7.25 -12.21 0.54
N HIS B 257 7.10 -11.53 -0.60
CA HIS B 257 6.70 -10.15 -0.66
C HIS B 257 5.66 -9.98 -1.75
N SER B 258 4.96 -8.84 -1.70
CA SER B 258 4.17 -8.38 -2.81
C SER B 258 5.03 -7.47 -3.68
N LEU B 259 4.64 -7.30 -4.93
CA LEU B 259 5.44 -6.57 -5.88
C LEU B 259 5.59 -5.12 -5.44
N GLU B 260 4.55 -4.61 -4.79
CA GLU B 260 4.67 -3.34 -4.11
C GLU B 260 4.18 -3.59 -2.71
N GLN B 261 5.01 -3.25 -1.74
CA GLN B 261 4.68 -3.58 -0.37
C GLN B 261 4.98 -2.43 0.57
N THR B 262 4.07 -2.22 1.52
CA THR B 262 4.33 -1.24 2.58
CA THR B 262 4.27 -1.21 2.57
C THR B 262 3.78 -1.78 3.90
N ASP B 263 4.58 -1.64 4.97
CA ASP B 263 4.23 -2.13 6.28
C ASP B 263 4.63 -1.07 7.31
N GLU B 264 3.75 -0.82 8.29
CA GLU B 264 4.10 0.11 9.37
C GLU B 264 4.15 -0.62 10.68
N LYS B 265 4.94 -0.07 11.59
CA LYS B 265 5.22 -0.75 12.83
C LYS B 265 5.60 0.31 13.86
N ASN B 266 5.23 0.06 15.12
CA ASN B 266 5.69 0.89 16.23
CA ASN B 266 5.71 0.86 16.20
C ASN B 266 7.00 0.26 16.72
N GLU B 267 8.15 0.90 16.41
CA GLU B 267 9.43 0.43 16.94
C GLU B 267 9.54 0.98 18.36
N THR B 268 9.99 0.15 19.31
CA THR B 268 10.08 0.59 20.69
C THR B 268 11.36 0.14 21.37
N LEU B 269 11.65 0.76 22.52
CA LEU B 269 12.86 0.45 23.24
C LEU B 269 12.73 0.97 24.66
N THR B 270 13.31 0.25 25.61
CA THR B 270 13.40 0.72 26.98
C THR B 270 14.88 0.76 27.32
N THR B 271 15.34 1.88 27.86
CA THR B 271 16.78 2.13 28.12
C THR B 271 17.01 2.64 29.54
N THR B 272 17.95 2.02 30.26
CA THR B 272 18.41 2.57 31.54
C THR B 272 19.63 3.44 31.35
N VAL B 273 19.52 4.71 31.75
CA VAL B 273 20.59 5.65 31.54
C VAL B 273 21.35 5.83 32.85
N GLU B 274 22.65 5.58 32.85
CA GLU B 274 23.44 5.89 34.03
C GLU B 274 23.93 7.35 34.06
N VAL B 275 23.64 8.05 35.15
CA VAL B 275 24.12 9.42 35.34
C VAL B 275 25.25 9.37 36.40
N PRO B 276 26.53 9.48 35.97
CA PRO B 276 27.63 9.40 36.97
C PRO B 276 27.65 10.59 37.92
N PRO B 277 28.32 10.43 39.09
CA PRO B 277 28.39 11.51 40.09
C PRO B 277 28.92 12.81 39.53
N LYS B 278 28.34 13.94 39.95
CA LYS B 278 28.82 15.28 39.56
C LYS B 278 28.87 15.48 38.05
N LYS B 279 27.92 14.87 37.33
CA LYS B 279 27.89 14.95 35.88
C LYS B 279 26.49 15.27 35.37
N LYS B 280 26.43 15.98 34.25
CA LYS B 280 25.21 16.12 33.46
C LYS B 280 25.34 15.16 32.28
N VAL B 281 24.26 14.44 31.97
CA VAL B 281 24.24 13.52 30.83
C VAL B 281 23.14 13.92 29.85
N ASP B 282 23.53 14.16 28.60
CA ASP B 282 22.59 14.39 27.51
C ASP B 282 22.29 13.04 26.82
N VAL B 283 21.00 12.71 26.69
CA VAL B 283 20.53 11.49 26.08
C VAL B 283 19.87 11.89 24.74
N HIS B 284 20.30 11.27 23.65
CA HIS B 284 19.77 11.59 22.32
CA HIS B 284 19.87 11.58 22.30
C HIS B 284 19.39 10.27 21.66
N ILE B 285 18.11 10.15 21.32
CA ILE B 285 17.56 8.91 20.78
C ILE B 285 17.12 9.17 19.36
N THR B 286 17.59 8.35 18.43
CA THR B 286 17.40 8.61 17.00
C THR B 286 17.17 7.25 16.31
N ILE B 287 16.84 7.34 15.02
CA ILE B 287 16.77 6.18 14.15
C ILE B 287 17.22 6.62 12.77
N GLY B 288 17.79 5.67 12.00
CA GLY B 288 18.27 5.95 10.68
C GLY B 288 17.33 5.41 9.62
N ARG B 289 17.06 6.23 8.62
CA ARG B 289 16.19 5.87 7.50
CA ARG B 289 16.20 5.84 7.50
C ARG B 289 17.02 5.81 6.21
N ALA B 290 17.02 4.65 5.54
CA ALA B 290 17.71 4.49 4.24
C ALA B 290 16.67 4.37 3.12
N SER B 291 16.94 5.01 1.99
CA SER B 291 16.09 4.96 0.79
C SER B 291 16.85 4.24 -0.32
N PHE B 292 16.60 2.95 -0.48
CA PHE B 292 17.27 2.17 -1.52
C PHE B 292 16.63 2.42 -2.89
N ASP B 293 17.49 2.50 -3.90
CA ASP B 293 17.06 2.69 -5.28
C ASP B 293 18.17 2.03 -6.12
N LEU B 294 18.03 0.75 -6.45
CA LEU B 294 19.12 0.02 -7.07
C LEU B 294 18.59 -1.05 -8.03
N PRO B 295 19.40 -1.46 -9.00
CA PRO B 295 18.88 -2.44 -9.96
C PRO B 295 18.72 -3.84 -9.36
N TYR B 296 17.84 -4.61 -9.97
CA TYR B 296 17.75 -6.01 -9.60
C TYR B 296 17.62 -6.86 -10.88
N THR B 297 18.02 -8.12 -10.75
CA THR B 297 17.80 -9.16 -11.75
C THR B 297 16.95 -10.23 -11.09
N GLY B 298 16.16 -10.95 -11.87
CA GLY B 298 15.46 -12.09 -11.35
C GLY B 298 14.96 -12.97 -12.47
N THR B 299 14.07 -13.88 -12.10
CA THR B 299 13.44 -14.83 -13.01
C THR B 299 11.96 -14.77 -12.72
N VAL B 300 11.16 -14.58 -13.77
CA VAL B 300 9.75 -14.65 -13.62
C VAL B 300 9.30 -16.08 -13.95
N LYS B 301 8.56 -16.69 -13.04
CA LYS B 301 8.05 -18.05 -13.23
C LYS B 301 6.54 -18.06 -13.22
N ILE B 302 5.95 -18.35 -14.37
CA ILE B 302 4.53 -18.49 -14.51
C ILE B 302 4.20 -19.97 -14.48
N THR B 303 3.34 -20.35 -13.56
CA THR B 303 2.77 -21.71 -13.51
C THR B 303 1.31 -21.63 -13.88
N CYS B 304 0.97 -22.31 -14.97
CA CYS B 304 -0.40 -22.34 -15.39
C CYS B 304 -1.24 -23.34 -14.60
N LYS B 305 -2.55 -23.12 -14.62
CA LYS B 305 -3.52 -24.02 -14.00
C LYS B 305 -3.37 -25.43 -14.53
N ASN B 306 -3.05 -25.55 -15.82
CA ASN B 306 -2.81 -26.86 -16.44
C ASN B 306 -1.47 -27.54 -16.10
N GLY B 307 -0.66 -26.91 -15.25
CA GLY B 307 0.60 -27.48 -14.76
C GLY B 307 1.86 -27.12 -15.51
N SER B 308 1.72 -26.52 -16.70
CA SER B 308 2.86 -26.11 -17.51
C SER B 308 3.41 -24.81 -16.97
N VAL B 309 4.62 -24.49 -17.42
CA VAL B 309 5.37 -23.36 -16.90
C VAL B 309 6.00 -22.55 -18.03
N LEU B 310 6.00 -21.24 -17.87
CA LEU B 310 6.72 -20.38 -18.74
C LEU B 310 7.60 -19.54 -17.85
N GLN B 311 8.89 -19.51 -18.13
CA GLN B 311 9.77 -18.65 -17.36
C GLN B 311 10.76 -17.87 -18.20
N TYR B 312 11.21 -16.74 -17.67
CA TYR B 312 12.19 -15.94 -18.37
C TYR B 312 12.93 -15.03 -17.39
N GLU B 313 14.13 -14.63 -17.79
CA GLU B 313 14.94 -13.70 -17.00
C GLU B 313 14.42 -12.30 -17.12
N THR B 314 14.54 -11.53 -16.04
CA THR B 314 14.08 -10.16 -16.09
C THR B 314 15.03 -9.28 -15.30
N LYS B 315 14.83 -7.98 -15.46
CA LYS B 315 15.63 -7.02 -14.73
C LYS B 315 14.80 -5.77 -14.50
N GLY B 316 15.13 -5.04 -13.46
CA GLY B 316 14.40 -3.84 -13.16
C GLY B 316 15.08 -3.06 -12.06
N GLN B 317 14.29 -2.25 -11.42
CA GLN B 317 14.76 -1.38 -10.33
C GLN B 317 13.98 -1.68 -9.07
N TYR B 318 14.72 -1.86 -7.98
CA TYR B 318 14.12 -2.00 -6.65
C TYR B 318 14.17 -0.67 -5.92
N LYS B 319 13.07 -0.33 -5.27
CA LYS B 319 13.03 0.84 -4.38
C LYS B 319 12.47 0.39 -3.03
N GLY B 320 13.07 0.86 -1.95
CA GLY B 320 12.60 0.47 -0.64
C GLY B 320 13.09 1.42 0.42
N VAL B 321 12.25 1.64 1.42
CA VAL B 321 12.66 2.40 2.62
C VAL B 321 12.89 1.42 3.73
N ALA B 322 14.04 1.54 4.37
CA ALA B 322 14.40 0.69 5.47
C ALA B 322 14.94 1.55 6.61
N TYR B 323 14.83 1.01 7.82
CA TYR B 323 15.28 1.69 9.05
C TYR B 323 16.31 0.87 9.82
N THR B 324 17.23 1.56 10.49
CA THR B 324 18.09 0.93 11.48
C THR B 324 17.29 0.63 12.75
N ASP B 325 17.95 0.03 13.74
CA ASP B 325 17.40 -0.04 15.07
C ASP B 325 17.43 1.37 15.70
N ILE B 326 16.58 1.57 16.70
CA ILE B 326 16.66 2.79 17.51
C ILE B 326 18.04 2.82 18.12
N LYS B 327 18.64 3.99 18.10
CA LYS B 327 19.96 4.24 18.64
C LYS B 327 19.87 5.21 19.83
N VAL B 328 20.52 4.84 20.94
CA VAL B 328 20.68 5.75 22.07
C VAL B 328 22.13 6.19 22.17
N ASN B 329 22.35 7.50 22.16
CA ASN B 329 23.66 8.11 22.31
C ASN B 329 23.64 8.97 23.59
N THR B 330 24.65 8.81 24.45
CA THR B 330 24.76 9.65 25.65
C THR B 330 26.09 10.42 25.65
N VAL B 331 26.06 11.62 26.21
CA VAL B 331 27.24 12.49 26.33
C VAL B 331 27.32 13.03 27.75
N GLU B 332 28.46 12.82 28.40
CA GLU B 332 28.71 13.29 29.77
C GLU B 332 29.46 14.62 29.78
N LYS B 333 29.11 15.46 30.75
CA LYS B 333 29.79 16.74 30.99
C LYS B 333 29.85 16.93 32.51
N ASP B 334 30.95 17.47 33.04
CA ASP B 334 31.06 17.67 34.50
C ASP B 334 30.14 18.79 35.00
N LEU B 335 29.52 18.57 36.16
CA LEU B 335 28.44 19.39 36.75
C LEU B 335 27.26 18.47 37.07
#